data_7EAP
#
_entry.id   7EAP
#
_cell.length_a   94.197
_cell.length_b   94.197
_cell.length_c   189.003
_cell.angle_alpha   90.000
_cell.angle_beta   90.000
_cell.angle_gamma   120.000
#
_symmetry.space_group_name_H-M   'P 31 2 1'
#
loop_
_entity.id
_entity.type
_entity.pdbx_description
1 polymer 'Fn3_like domain-containing protein'
2 branched alpha-D-xylopyranose-(1-6)-beta-D-glucopyranose-(1-4)-[alpha-D-xylopyranose-(1-6)]beta-D-glucopyranose-(1-4)-[alpha-D-xylopyranose-(1-6)]beta-D-glucopyranose-(1-4)-beta-D-glucopyranose
3 branched alpha-D-xylopyranose-(1-6)-beta-D-glucopyranose
4 branched 2-acetamido-2-deoxy-beta-D-glucopyranose-(1-4)-2-acetamido-2-deoxy-beta-D-glucopyranose
5 non-polymer 'CALCIUM ION'
6 non-polymer 2-acetamido-2-deoxy-beta-D-glucopyranose
7 water water
#
_entity_poly.entity_id   1
_entity_poly.type   'polypeptide(L)'
_entity_poly.pdbx_seq_one_letter_code
;QDEKPRYKDPSVPVEERVTDLLGRMTLEEKMSQLIQGDITNWMNETTGEFNLTGLEWSTKMRGGMFYVGYPVPWDYIADN
VKKAQDYILQNTTLGIPAIVQTESLHGFLIGNATIYNSPIGFACSFNPELIEKMARLIGQEASALGVNHVMGPVVDLARE
LRFGRVEETYGEDPFLAGEIGYHYTKGIQSHNISANVKHFVGFSQPEQGLNTAPVHGGERYLRTTWLPSFKRAIMDAGAW
SIMSAYHSYDGIPAVADYHTLTEILREEWGYKYWVTSDAGASDRVCTAFKLCRADPIDKEAVTLAILPAGNDVEMGGGSY
NFETIIDLVNAGKLDIEIVNTAVSRVLRAKFEMGLFENPYNAAPASEWNKLIHTQEAVDLARELDRESIVLLENHDNALP
LKKSGSIAVIGPMAHGFMNYGDYVVYESQYRGVTPLDGIKAAVGDKATINYAQGCERWSNDQSGFAEAVEAAKKSDVAVV
VVGTWSRDQKELWAGLNATTGAHVDVNSLSLVGAQAPLIKAIIDTGVPTVVVLSSGKPITEPWLSNNTAALVQQFYPSEQ
GGNALADVLFGDYNPSGKLSVSFPHSVGDLPIYYDYLNSAREIGDAGYIYSNGTLEFGHQYALGNPKAWYPFGYGKSYSS
FEYGAVKLDKTNVTEADTVTVSVDVKNTDATREGTEVVQVYVVDEVASVVVPNRLLKGFKKVVIPAGQTKTVEIPLKVQD
LGLWNVRMKYVVEPGAFGVLVGSSSEDIRGNATFYVQVDHHHHHH
;
_entity_poly.pdbx_strand_id   A
#
loop_
_chem_comp.id
_chem_comp.type
_chem_comp.name
_chem_comp.formula
BGC D-saccharide, beta linking beta-D-glucopyranose 'C6 H12 O6'
CA non-polymer 'CALCIUM ION' 'Ca 2'
NAG D-saccharide, beta linking 2-acetamido-2-deoxy-beta-D-glucopyranose 'C8 H15 N O6'
XYS D-saccharide, alpha linking alpha-D-xylopyranose 'C5 H10 O5'
#
# COMPACT_ATOMS: atom_id res chain seq x y z
N GLU A 3 -11.81 12.97 -45.38
CA GLU A 3 -12.09 11.61 -45.76
C GLU A 3 -11.43 10.67 -44.72
N LYS A 4 -10.36 11.02 -43.96
CA LYS A 4 -9.80 10.06 -42.95
C LYS A 4 -10.47 10.36 -41.62
N PRO A 5 -10.76 9.36 -40.75
CA PRO A 5 -11.48 9.69 -39.52
C PRO A 5 -10.73 10.69 -38.61
N ARG A 6 -11.46 11.66 -38.10
CA ARG A 6 -10.88 12.70 -37.25
C ARG A 6 -10.26 12.08 -35.99
N TYR A 7 -10.83 11.00 -35.44
CA TYR A 7 -10.24 10.44 -34.21
C TYR A 7 -8.81 9.92 -34.39
N LYS A 8 -8.39 9.63 -35.65
CA LYS A 8 -7.04 9.16 -35.90
C LYS A 8 -6.02 10.31 -35.93
N ASP A 9 -6.47 11.56 -35.89
CA ASP A 9 -5.54 12.71 -36.04
C ASP A 9 -4.98 13.08 -34.68
N PRO A 10 -3.64 12.87 -34.48
CA PRO A 10 -3.01 13.15 -33.18
C PRO A 10 -3.08 14.61 -32.77
N SER A 11 -3.33 15.49 -33.73
CA SER A 11 -3.31 16.95 -33.44
C SER A 11 -4.66 17.50 -33.04
N VAL A 12 -5.70 16.66 -33.13
CA VAL A 12 -7.09 17.12 -32.83
C VAL A 12 -7.27 17.07 -31.32
N PRO A 13 -7.91 18.06 -30.69
CA PRO A 13 -8.17 18.04 -29.25
C PRO A 13 -8.84 16.74 -28.82
N VAL A 14 -8.39 16.22 -27.69
CA VAL A 14 -8.86 14.89 -27.22
C VAL A 14 -10.39 14.82 -27.19
N GLU A 15 -11.09 15.85 -26.75
CA GLU A 15 -12.56 15.73 -26.66
C GLU A 15 -13.19 15.56 -28.05
N GLU A 16 -12.61 16.21 -29.08
CA GLU A 16 -13.08 16.04 -30.47
C GLU A 16 -12.78 14.62 -30.94
N ARG A 17 -11.63 14.07 -30.60
CA ARG A 17 -11.30 12.67 -30.98
C ARG A 17 -12.33 11.70 -30.34
N VAL A 18 -12.61 11.93 -29.05
CA VAL A 18 -13.59 11.08 -28.35
C VAL A 18 -14.96 11.14 -29.02
N THR A 19 -15.43 12.33 -29.33
CA THR A 19 -16.75 12.53 -29.96
C THR A 19 -16.76 11.82 -31.29
N ASP A 20 -15.70 12.03 -32.10
CA ASP A 20 -15.68 11.40 -33.44
C ASP A 20 -15.69 9.89 -33.36
N LEU A 21 -14.89 9.31 -32.49
CA LEU A 21 -14.83 7.84 -32.38
C LEU A 21 -16.15 7.29 -31.87
N LEU A 22 -16.69 7.90 -30.84
CA LEU A 22 -17.95 7.41 -30.21
C LEU A 22 -19.06 7.38 -31.24
N GLY A 23 -19.15 8.41 -32.11
CA GLY A 23 -20.21 8.45 -33.13
C GLY A 23 -20.07 7.37 -34.19
N ARG A 24 -18.92 6.70 -34.32
CA ARG A 24 -18.70 5.64 -35.31
C ARG A 24 -18.99 4.25 -34.75
N MET A 25 -19.16 4.14 -33.40
CA MET A 25 -19.17 2.83 -32.73
C MET A 25 -20.59 2.23 -32.76
N THR A 26 -20.66 0.93 -32.98
CA THR A 26 -21.90 0.18 -32.74
C THR A 26 -22.13 -0.02 -31.24
N LEU A 27 -23.33 -0.41 -30.90
CA LEU A 27 -23.67 -0.66 -29.47
C LEU A 27 -22.81 -1.82 -28.96
N GLU A 28 -22.61 -2.88 -29.73
CA GLU A 28 -21.73 -3.99 -29.30
C GLU A 28 -20.29 -3.50 -29.05
N GLU A 29 -19.77 -2.62 -29.95
CA GLU A 29 -18.39 -2.09 -29.79
C GLU A 29 -18.32 -1.27 -28.48
N LYS A 30 -19.37 -0.52 -28.17
CA LYS A 30 -19.42 0.24 -26.88
C LYS A 30 -19.41 -0.73 -25.69
N MET A 31 -20.26 -1.74 -25.69
CA MET A 31 -20.32 -2.80 -24.61
C MET A 31 -18.89 -3.35 -24.44
N SER A 32 -18.20 -3.69 -25.54
CA SER A 32 -16.90 -4.35 -25.49
C SER A 32 -15.85 -3.49 -24.79
N GLN A 33 -15.92 -2.16 -24.96
CA GLN A 33 -14.95 -1.27 -24.26
C GLN A 33 -15.15 -1.32 -22.75
N LEU A 34 -16.33 -1.73 -22.27
CA LEU A 34 -16.66 -1.63 -20.82
C LEU A 34 -16.47 -2.95 -20.09
N ILE A 35 -15.97 -3.99 -20.73
CA ILE A 35 -15.82 -5.34 -20.10
C ILE A 35 -14.38 -5.78 -20.23
N GLN A 36 -13.76 -6.25 -19.16
CA GLN A 36 -12.37 -6.67 -19.12
C GLN A 36 -12.22 -8.13 -19.58
N GLY A 37 -11.36 -8.34 -20.59
CA GLY A 37 -10.91 -9.64 -21.02
C GLY A 37 -9.70 -10.17 -20.30
N ASP A 38 -9.12 -11.25 -20.84
CA ASP A 38 -8.05 -11.97 -20.18
C ASP A 38 -7.13 -12.57 -21.25
N ILE A 39 -5.83 -12.42 -21.10
CA ILE A 39 -4.86 -12.98 -22.09
C ILE A 39 -5.05 -14.48 -22.26
N THR A 40 -5.44 -15.22 -21.22
CA THR A 40 -5.60 -16.67 -21.32
C THR A 40 -6.78 -17.02 -22.21
N ASN A 41 -7.59 -16.05 -22.67
CA ASN A 41 -8.65 -16.32 -23.65
C ASN A 41 -8.00 -16.71 -25.00
N TRP A 42 -6.76 -16.33 -25.25
CA TRP A 42 -6.08 -16.72 -26.50
C TRP A 42 -4.72 -17.35 -26.26
N MET A 43 -4.21 -17.37 -25.05
CA MET A 43 -2.84 -17.85 -24.73
C MET A 43 -2.95 -18.99 -23.74
N ASN A 44 -2.48 -20.16 -24.15
CA ASN A 44 -2.42 -21.30 -23.20
C ASN A 44 -1.37 -20.96 -22.16
N GLU A 45 -1.73 -20.99 -20.88
CA GLU A 45 -0.82 -20.52 -19.82
C GLU A 45 0.38 -21.48 -19.68
N THR A 46 0.23 -22.77 -19.98
CA THR A 46 1.33 -23.76 -19.82
C THR A 46 2.24 -23.72 -21.05
N THR A 47 1.71 -23.65 -22.27
CA THR A 47 2.53 -23.82 -23.50
C THR A 47 2.78 -22.51 -24.27
N GLY A 48 1.99 -21.46 -24.01
CA GLY A 48 2.11 -20.22 -24.78
C GLY A 48 1.38 -20.29 -26.11
N GLU A 49 0.71 -21.41 -26.43
CA GLU A 49 0.14 -21.60 -27.79
C GLU A 49 -1.05 -20.66 -27.98
N PHE A 50 -1.16 -20.12 -29.17
CA PHE A 50 -2.14 -19.09 -29.56
C PHE A 50 -3.42 -19.73 -30.08
N ASN A 51 -4.56 -19.16 -29.67
CA ASN A 51 -5.90 -19.52 -30.15
C ASN A 51 -6.57 -18.28 -30.72
N LEU A 52 -6.51 -18.11 -32.03
CA LEU A 52 -7.15 -16.99 -32.73
C LEU A 52 -8.64 -16.92 -32.39
N THR A 53 -9.37 -18.05 -32.43
CA THR A 53 -10.82 -18.04 -32.18
C THR A 53 -11.11 -17.36 -30.82
N GLY A 54 -10.29 -17.66 -29.83
CA GLY A 54 -10.37 -17.04 -28.49
C GLY A 54 -10.07 -15.55 -28.51
N LEU A 55 -9.06 -15.11 -29.25
CA LEU A 55 -8.79 -13.67 -29.39
C LEU A 55 -9.95 -13.00 -30.11
N GLU A 56 -10.56 -13.61 -31.14
CA GLU A 56 -11.66 -12.99 -31.89
C GLU A 56 -12.81 -12.73 -30.91
N TRP A 57 -13.15 -13.77 -30.15
CA TRP A 57 -14.31 -13.65 -29.22
C TRP A 57 -14.02 -12.58 -28.15
N SER A 58 -12.86 -12.68 -27.55
CA SER A 58 -12.49 -11.76 -26.45
C SER A 58 -12.48 -10.33 -26.93
N THR A 59 -11.95 -10.08 -28.12
CA THR A 59 -11.90 -8.71 -28.65
C THR A 59 -13.34 -8.22 -28.94
N LYS A 60 -14.19 -9.07 -29.47
CA LYS A 60 -15.60 -8.70 -29.80
C LYS A 60 -16.35 -8.33 -28.52
N MET A 61 -16.27 -9.20 -27.49
CA MET A 61 -17.20 -9.12 -26.32
C MET A 61 -16.60 -8.37 -25.11
N ARG A 62 -15.29 -8.31 -24.98
CA ARG A 62 -14.62 -7.75 -23.80
C ARG A 62 -13.18 -7.30 -24.18
N GLY A 63 -13.16 -6.40 -25.14
CA GLY A 63 -11.92 -6.04 -25.85
C GLY A 63 -11.29 -4.74 -25.42
N GLY A 64 -11.94 -3.93 -24.58
CA GLY A 64 -11.38 -2.62 -24.17
C GLY A 64 -10.07 -2.78 -23.43
N MET A 65 -9.94 -3.82 -22.61
CA MET A 65 -8.74 -4.04 -21.81
C MET A 65 -8.70 -5.50 -21.39
N PHE A 66 -7.54 -5.98 -21.03
CA PHE A 66 -7.39 -7.35 -20.56
C PHE A 66 -6.24 -7.48 -19.61
N TYR A 67 -6.43 -8.51 -18.72
CA TYR A 67 -5.47 -8.87 -17.67
C TYR A 67 -4.35 -9.78 -18.17
N VAL A 68 -3.15 -9.57 -17.68
CA VAL A 68 -1.94 -10.39 -18.03
C VAL A 68 -1.17 -10.90 -16.83
N GLY A 69 -1.79 -10.95 -15.65
CA GLY A 69 -1.07 -11.36 -14.42
C GLY A 69 -0.97 -12.86 -14.21
N TYR A 70 -0.27 -13.54 -15.11
CA TYR A 70 -0.01 -14.98 -15.02
C TYR A 70 1.48 -15.24 -14.93
N PRO A 71 1.88 -16.29 -14.20
CA PRO A 71 3.27 -16.61 -14.00
C PRO A 71 3.90 -17.39 -15.16
N VAL A 72 4.14 -16.66 -16.23
CA VAL A 72 4.61 -17.24 -17.52
C VAL A 72 5.87 -16.55 -17.93
N PRO A 73 6.62 -17.16 -18.88
CA PRO A 73 7.83 -16.52 -19.39
C PRO A 73 7.54 -15.16 -20.03
N TRP A 74 8.54 -14.30 -20.00
CA TRP A 74 8.39 -12.91 -20.54
C TRP A 74 7.87 -12.95 -21.97
N ASP A 75 8.41 -13.85 -22.82
CA ASP A 75 7.97 -13.83 -24.22
C ASP A 75 6.52 -14.27 -24.39
N TYR A 76 5.92 -15.01 -23.45
CA TYR A 76 4.49 -15.36 -23.57
C TYR A 76 3.70 -14.05 -23.50
N ILE A 77 4.05 -13.20 -22.51
CA ILE A 77 3.31 -11.93 -22.34
C ILE A 77 3.56 -11.03 -23.57
N ALA A 78 4.83 -10.80 -23.89
CA ALA A 78 5.10 -9.83 -24.97
C ALA A 78 4.41 -10.29 -26.28
N ASP A 79 4.57 -11.58 -26.63
CA ASP A 79 4.08 -12.10 -27.91
C ASP A 79 2.55 -12.04 -27.96
N ASN A 80 1.88 -12.48 -26.90
CA ASN A 80 0.41 -12.58 -26.94
C ASN A 80 -0.23 -11.19 -26.75
N VAL A 81 0.44 -10.25 -26.08
CA VAL A 81 -0.03 -8.83 -26.11
C VAL A 81 0.08 -8.31 -27.54
N LYS A 82 1.22 -8.55 -28.20
CA LYS A 82 1.39 -8.07 -29.60
C LYS A 82 0.30 -8.63 -30.49
N LYS A 83 0.03 -9.94 -30.35
CA LYS A 83 -1.04 -10.57 -31.18
C LYS A 83 -2.38 -9.86 -30.99
N ALA A 84 -2.68 -9.46 -29.76
CA ALA A 84 -3.95 -8.76 -29.49
C ALA A 84 -3.96 -7.37 -30.14
N GLN A 85 -2.88 -6.59 -29.99
CA GLN A 85 -2.85 -5.22 -30.56
C GLN A 85 -2.85 -5.31 -32.11
N ASP A 86 -2.16 -6.31 -32.66
CA ASP A 86 -2.14 -6.50 -34.13
C ASP A 86 -3.50 -6.88 -34.65
N TYR A 87 -4.22 -7.79 -33.95
CA TYR A 87 -5.57 -8.20 -34.32
C TYR A 87 -6.47 -6.97 -34.35
N ILE A 88 -6.38 -6.15 -33.30
CA ILE A 88 -7.25 -4.94 -33.23
C ILE A 88 -7.00 -4.02 -34.46
N LEU A 89 -5.73 -3.82 -34.80
CA LEU A 89 -5.41 -2.89 -35.92
C LEU A 89 -5.83 -3.48 -37.29
N GLN A 90 -5.63 -4.77 -37.51
CA GLN A 90 -5.82 -5.41 -38.84
C GLN A 90 -7.25 -5.93 -39.03
N ASN A 91 -7.91 -6.36 -37.94
CA ASN A 91 -9.14 -7.17 -38.03
C ASN A 91 -10.31 -6.53 -37.26
N THR A 92 -10.22 -5.27 -36.88
CA THR A 92 -11.41 -4.52 -36.46
C THR A 92 -11.50 -3.24 -37.30
N THR A 93 -12.72 -2.74 -37.42
CA THR A 93 -13.08 -1.50 -38.13
C THR A 93 -12.28 -0.33 -37.52
N LEU A 94 -12.38 -0.15 -36.24
CA LEU A 94 -11.97 1.12 -35.60
C LEU A 94 -10.56 1.08 -35.05
N GLY A 95 -10.01 -0.09 -34.78
CA GLY A 95 -8.65 -0.20 -34.24
C GLY A 95 -8.46 0.52 -32.92
N ILE A 96 -9.35 0.27 -31.95
CA ILE A 96 -9.24 0.93 -30.64
C ILE A 96 -8.24 0.12 -29.82
N PRO A 97 -7.07 0.69 -29.46
CA PRO A 97 -6.02 -0.07 -28.80
C PRO A 97 -6.50 -0.54 -27.41
N ALA A 98 -6.03 -1.74 -27.04
CA ALA A 98 -6.36 -2.32 -25.72
C ALA A 98 -5.48 -1.74 -24.62
N ILE A 99 -6.12 -1.58 -23.45
CA ILE A 99 -5.39 -1.40 -22.19
C ILE A 99 -5.00 -2.80 -21.70
N VAL A 100 -3.79 -2.91 -21.23
CA VAL A 100 -3.10 -4.18 -20.89
C VAL A 100 -2.66 -4.08 -19.45
N GLN A 101 -3.33 -4.86 -18.58
CA GLN A 101 -3.34 -4.61 -17.14
C GLN A 101 -2.56 -5.69 -16.35
N THR A 102 -1.81 -5.30 -15.37
CA THR A 102 -1.26 -6.23 -14.40
C THR A 102 -1.11 -5.61 -13.03
N GLU A 103 -0.58 -6.35 -12.11
CA GLU A 103 -0.27 -5.80 -10.77
C GLU A 103 1.14 -5.24 -10.69
N SER A 104 1.33 -4.26 -9.82
CA SER A 104 2.61 -3.53 -9.62
C SER A 104 2.90 -3.23 -8.17
N LEU A 105 2.01 -3.64 -7.24
CA LEU A 105 1.98 -3.12 -5.85
C LEU A 105 3.35 -2.78 -5.29
N HIS A 106 4.25 -3.77 -5.26
CA HIS A 106 5.63 -3.56 -4.79
C HIS A 106 6.60 -4.23 -5.78
N GLY A 107 6.32 -4.06 -7.04
CA GLY A 107 7.12 -4.65 -8.13
C GLY A 107 6.21 -5.21 -9.22
N PHE A 108 6.67 -5.11 -10.47
CA PHE A 108 5.97 -5.66 -11.63
C PHE A 108 5.73 -7.15 -11.43
N LEU A 109 4.47 -7.57 -11.54
CA LEU A 109 4.11 -8.99 -11.25
C LEU A 109 4.43 -9.91 -12.44
N ILE A 110 5.71 -10.26 -12.53
CA ILE A 110 6.22 -11.29 -13.50
C ILE A 110 7.49 -11.88 -12.88
N GLY A 111 7.79 -13.14 -13.20
CA GLY A 111 8.98 -13.74 -12.62
C GLY A 111 10.28 -13.02 -12.95
N ASN A 112 11.19 -12.97 -11.97
CA ASN A 112 12.54 -12.43 -12.13
C ASN A 112 12.55 -10.92 -12.40
N ALA A 113 11.47 -10.22 -12.02
CA ALA A 113 11.45 -8.76 -12.00
C ALA A 113 11.88 -8.29 -10.60
N THR A 114 12.06 -6.99 -10.41
CA THR A 114 12.55 -6.51 -9.11
C THR A 114 11.41 -6.54 -8.08
N ILE A 115 11.70 -7.14 -6.94
CA ILE A 115 10.72 -7.16 -5.80
C ILE A 115 11.19 -6.16 -4.75
N TYR A 116 10.35 -5.10 -4.56
CA TYR A 116 10.57 -4.11 -3.52
C TYR A 116 9.92 -4.58 -2.21
N ASN A 117 10.25 -3.91 -1.13
CA ASN A 117 9.58 -4.21 0.18
C ASN A 117 8.07 -3.87 0.04
N SER A 118 7.27 -4.48 0.93
CA SER A 118 5.82 -4.25 0.85
C SER A 118 5.49 -2.80 1.20
N PRO A 119 4.31 -2.33 0.74
CA PRO A 119 3.90 -0.94 0.94
C PRO A 119 3.90 -0.47 2.40
N ILE A 120 3.43 -1.31 3.34
CA ILE A 120 3.34 -0.85 4.73
C ILE A 120 4.74 -0.52 5.20
N GLY A 121 5.74 -1.28 4.71
CA GLY A 121 7.14 -1.04 5.00
C GLY A 121 7.71 0.20 4.31
N PHE A 122 7.56 0.33 3.01
CA PHE A 122 8.18 1.51 2.37
C PHE A 122 7.51 2.79 2.78
N ALA A 123 6.27 2.75 3.27
CA ALA A 123 5.68 3.95 3.88
C ALA A 123 6.49 4.36 5.12
N CYS A 124 7.03 3.43 5.89
CA CYS A 124 7.89 3.76 7.05
C CYS A 124 9.15 4.52 6.64
N SER A 125 9.52 4.52 5.36
CA SER A 125 10.65 5.37 4.94
C SER A 125 10.36 6.85 5.10
N PHE A 126 9.08 7.26 5.06
CA PHE A 126 8.71 8.69 5.01
C PHE A 126 9.55 9.38 3.89
N ASN A 127 9.73 8.69 2.78
CA ASN A 127 10.58 9.19 1.68
C ASN A 127 9.84 9.11 0.35
N PRO A 128 8.80 9.96 0.15
CA PRO A 128 8.01 9.85 -1.06
C PRO A 128 8.84 10.03 -2.34
N GLU A 129 9.89 10.83 -2.34
CA GLU A 129 10.72 10.99 -3.56
C GLU A 129 11.42 9.68 -3.93
N LEU A 130 11.89 8.88 -2.96
CA LEU A 130 12.52 7.58 -3.24
C LEU A 130 11.46 6.63 -3.76
N ILE A 131 10.23 6.70 -3.20
CA ILE A 131 9.14 5.86 -3.70
C ILE A 131 8.78 6.21 -5.13
N GLU A 132 8.84 7.49 -5.52
CA GLU A 132 8.59 7.88 -6.93
C GLU A 132 9.64 7.23 -7.85
N LYS A 133 10.90 7.19 -7.40
CA LYS A 133 11.96 6.53 -8.23
C LYS A 133 11.66 5.04 -8.37
N MET A 134 11.19 4.38 -7.30
CA MET A 134 10.80 2.97 -7.38
C MET A 134 9.71 2.83 -8.42
N ALA A 135 8.65 3.65 -8.36
CA ALA A 135 7.51 3.53 -9.26
C ALA A 135 7.96 3.75 -10.71
N ARG A 136 8.88 4.69 -10.97
CA ARG A 136 9.43 4.89 -12.34
C ARG A 136 10.12 3.61 -12.81
N LEU A 137 10.85 2.93 -11.94
CA LEU A 137 11.53 1.66 -12.35
C LEU A 137 10.50 0.53 -12.53
N ILE A 138 9.44 0.47 -11.72
CA ILE A 138 8.39 -0.55 -11.93
C ILE A 138 7.77 -0.29 -13.31
N GLY A 139 7.48 0.96 -13.65
CA GLY A 139 6.90 1.26 -14.95
C GLY A 139 7.84 0.92 -16.12
N GLN A 140 9.12 1.12 -15.91
CA GLN A 140 10.14 0.71 -16.94
C GLN A 140 10.05 -0.81 -17.20
N GLU A 141 9.94 -1.59 -16.12
CA GLU A 141 9.93 -3.05 -16.24
C GLU A 141 8.65 -3.48 -16.91
N ALA A 142 7.50 -2.96 -16.47
CA ALA A 142 6.21 -3.36 -17.01
C ALA A 142 6.12 -3.00 -18.51
N SER A 143 6.51 -1.79 -18.84
CA SER A 143 6.33 -1.32 -20.23
C SER A 143 7.24 -2.12 -21.18
N ALA A 144 8.31 -2.70 -20.68
CA ALA A 144 9.23 -3.50 -21.51
C ALA A 144 8.48 -4.66 -22.19
N LEU A 145 7.45 -5.23 -21.54
CA LEU A 145 6.71 -6.37 -22.05
C LEU A 145 5.38 -6.01 -22.73
N GLY A 146 5.04 -4.71 -22.81
CA GLY A 146 3.79 -4.30 -23.48
C GLY A 146 2.62 -4.03 -22.53
N VAL A 147 2.88 -3.99 -21.21
CA VAL A 147 1.88 -3.56 -20.24
C VAL A 147 1.73 -2.05 -20.32
N ASN A 148 0.47 -1.57 -20.22
CA ASN A 148 0.23 -0.11 -20.18
C ASN A 148 -0.70 0.34 -19.04
N HIS A 149 -0.94 -0.55 -18.10
CA HIS A 149 -1.84 -0.24 -16.96
C HIS A 149 -1.44 -1.12 -15.80
N VAL A 150 -1.28 -0.53 -14.63
CA VAL A 150 -0.97 -1.30 -13.41
C VAL A 150 -2.05 -1.01 -12.37
N MET A 151 -2.35 -2.04 -11.61
CA MET A 151 -3.49 -2.01 -10.62
C MET A 151 -3.02 -1.50 -9.27
N GLY A 152 -2.52 -0.29 -9.25
CA GLY A 152 -2.11 0.39 -8.02
C GLY A 152 -1.97 1.88 -8.26
N PRO A 153 -1.78 2.72 -7.24
CA PRO A 153 -1.54 2.31 -5.85
C PRO A 153 -2.79 1.98 -5.04
N VAL A 154 -2.58 1.21 -3.95
CA VAL A 154 -3.58 1.14 -2.86
C VAL A 154 -3.43 2.37 -1.97
N VAL A 155 -4.51 3.18 -1.87
CA VAL A 155 -4.52 4.36 -0.99
C VAL A 155 -5.54 4.17 0.15
N ASP A 156 -6.03 2.95 0.30
CA ASP A 156 -6.74 2.54 1.53
C ASP A 156 -5.86 2.80 2.74
N LEU A 157 -6.46 2.92 3.93
CA LEU A 157 -5.74 3.13 5.17
C LEU A 157 -5.81 1.90 6.08
N ALA A 158 -4.74 1.63 6.80
CA ALA A 158 -4.63 0.50 7.71
C ALA A 158 -5.31 0.81 9.05
N ARG A 159 -6.64 0.86 9.03
CA ARG A 159 -7.42 1.27 10.21
C ARG A 159 -8.06 0.09 10.94
N GLU A 160 -7.99 -1.11 10.39
CA GLU A 160 -8.47 -2.38 11.00
C GLU A 160 -7.34 -3.39 10.91
N LEU A 161 -6.65 -3.59 12.02
CA LEU A 161 -5.40 -4.35 11.97
C LEU A 161 -5.65 -5.85 11.81
N ARG A 162 -6.89 -6.36 11.97
CA ARG A 162 -7.16 -7.78 11.76
C ARG A 162 -7.21 -8.08 10.25
N PHE A 163 -7.48 -7.09 9.41
CA PHE A 163 -7.69 -7.31 7.97
C PHE A 163 -6.36 -7.67 7.29
N GLY A 164 -6.44 -8.69 6.43
CA GLY A 164 -5.23 -9.26 5.83
C GLY A 164 -4.48 -8.34 4.87
N ARG A 165 -5.07 -7.26 4.43
CA ARG A 165 -4.42 -6.40 3.41
C ARG A 165 -3.79 -5.14 4.01
N VAL A 166 -3.58 -5.08 5.29
CA VAL A 166 -2.80 -3.97 5.92
C VAL A 166 -1.46 -3.79 5.18
N GLU A 167 -0.78 -4.87 4.83
CA GLU A 167 0.55 -4.79 4.21
C GLU A 167 0.52 -4.02 2.89
N GLU A 168 -0.59 -4.00 2.20
CA GLU A 168 -0.75 -3.40 0.88
C GLU A 168 -0.93 -1.89 0.96
N THR A 169 -1.21 -1.39 2.15
CA THR A 169 -1.48 0.03 2.36
C THR A 169 -0.19 0.79 2.74
N TYR A 170 -0.31 2.12 2.73
CA TYR A 170 0.77 3.02 3.19
C TYR A 170 0.58 3.48 4.61
N GLY A 171 -0.14 2.69 5.42
CA GLY A 171 -0.37 2.95 6.84
C GLY A 171 -1.75 3.52 7.17
N GLU A 172 -1.83 4.05 8.40
CA GLU A 172 -3.15 4.47 8.95
C GLU A 172 -3.47 5.93 8.70
N ASP A 173 -2.52 6.73 8.20
CA ASP A 173 -2.62 8.19 8.16
C ASP A 173 -3.05 8.68 6.76
N PRO A 174 -4.10 9.51 6.64
CA PRO A 174 -4.46 10.08 5.35
C PRO A 174 -3.34 10.88 4.64
N PHE A 175 -2.61 11.71 5.39
CA PHE A 175 -1.62 12.59 4.75
C PHE A 175 -0.48 11.75 4.20
N LEU A 176 0.10 10.89 4.98
CA LEU A 176 1.26 10.09 4.51
C LEU A 176 0.78 9.22 3.33
N ALA A 177 -0.40 8.58 3.42
CA ALA A 177 -0.86 7.72 2.33
C ALA A 177 -1.08 8.55 1.05
N GLY A 178 -1.61 9.77 1.20
CA GLY A 178 -1.84 10.63 0.03
C GLY A 178 -0.48 11.05 -0.59
N GLU A 179 0.51 11.36 0.23
CA GLU A 179 1.81 11.81 -0.35
C GLU A 179 2.43 10.65 -1.12
N ILE A 180 2.43 9.47 -0.51
CA ILE A 180 3.03 8.30 -1.17
C ILE A 180 2.22 7.93 -2.40
N GLY A 181 0.87 7.96 -2.32
CA GLY A 181 0.08 7.62 -3.48
C GLY A 181 0.28 8.61 -4.63
N TYR A 182 0.43 9.89 -4.34
CA TYR A 182 0.71 10.93 -5.36
C TYR A 182 2.05 10.56 -6.06
N HIS A 183 3.08 10.32 -5.27
CA HIS A 183 4.43 10.03 -5.84
C HIS A 183 4.42 8.76 -6.63
N TYR A 184 3.79 7.70 -6.12
CA TYR A 184 3.72 6.42 -6.83
C TYR A 184 3.01 6.60 -8.15
N THR A 185 1.84 7.23 -8.16
CA THR A 185 1.07 7.51 -9.36
C THR A 185 1.91 8.30 -10.38
N LYS A 186 2.54 9.35 -9.93
CA LYS A 186 3.37 10.18 -10.82
C LYS A 186 4.49 9.34 -11.44
N GLY A 187 5.18 8.51 -10.65
CA GLY A 187 6.28 7.67 -11.19
C GLY A 187 5.80 6.70 -12.24
N ILE A 188 4.69 5.98 -11.99
CA ILE A 188 4.14 5.06 -12.98
C ILE A 188 3.79 5.83 -14.26
N GLN A 189 3.03 6.90 -14.14
CA GLN A 189 2.45 7.58 -15.30
C GLN A 189 3.50 8.40 -16.06
N SER A 190 4.69 8.56 -15.52
CA SER A 190 5.78 9.21 -16.28
C SER A 190 6.14 8.43 -17.55
N HIS A 191 5.76 7.14 -17.62
CA HIS A 191 5.92 6.20 -18.76
C HIS A 191 4.76 6.21 -19.72
N ASN A 192 3.71 6.97 -19.44
CA ASN A 192 2.43 6.91 -20.18
C ASN A 192 1.79 5.51 -20.00
N ILE A 193 2.02 4.90 -18.86
CA ILE A 193 1.30 3.71 -18.33
C ILE A 193 0.25 4.32 -17.40
N SER A 194 -0.92 3.73 -17.33
CA SER A 194 -1.94 4.18 -16.39
C SER A 194 -1.80 3.54 -15.03
N ALA A 195 -1.92 4.38 -14.01
CA ALA A 195 -2.15 3.88 -12.64
C ALA A 195 -3.64 3.54 -12.50
N ASN A 196 -3.98 2.98 -11.35
CA ASN A 196 -5.36 2.51 -11.02
C ASN A 196 -5.50 2.64 -9.49
N VAL A 197 -5.98 3.79 -9.06
CA VAL A 197 -6.05 4.08 -7.62
C VAL A 197 -7.16 3.23 -7.02
N LYS A 198 -6.84 2.51 -5.93
CA LYS A 198 -7.80 1.52 -5.37
C LYS A 198 -7.74 1.58 -3.86
N HIS A 199 -8.80 1.11 -3.14
CA HIS A 199 -10.06 0.59 -3.61
C HIS A 199 -11.15 1.58 -3.19
N PHE A 200 -11.70 2.33 -4.12
CA PHE A 200 -12.54 3.49 -3.84
C PHE A 200 -13.91 3.02 -3.30
N VAL A 201 -14.33 3.42 -2.08
CA VAL A 201 -13.64 4.18 -1.05
C VAL A 201 -14.14 3.72 0.33
N GLY A 202 -13.25 3.65 1.30
CA GLY A 202 -13.67 3.30 2.68
C GLY A 202 -13.58 1.81 2.90
N PHE A 203 -12.72 1.09 2.19
CA PHE A 203 -12.76 -0.37 2.09
C PHE A 203 -12.18 -1.07 3.33
N SER A 204 -11.09 -0.56 3.87
CA SER A 204 -10.16 -1.31 4.75
C SER A 204 -10.47 -1.17 6.23
N GLN A 205 -11.74 -0.97 6.59
CA GLN A 205 -12.21 -1.10 8.00
C GLN A 205 -13.33 -2.12 8.06
N PRO A 206 -13.18 -3.31 7.46
CA PRO A 206 -14.29 -4.30 7.45
C PRO A 206 -14.71 -4.73 8.87
N GLU A 207 -16.01 -4.99 8.98
CA GLU A 207 -16.57 -5.55 10.21
C GLU A 207 -15.88 -6.86 10.55
N GLN A 208 -15.47 -6.97 11.83
CA GLN A 208 -14.79 -8.16 12.36
C GLN A 208 -13.38 -8.34 11.75
N GLY A 209 -12.95 -7.40 10.89
CA GLY A 209 -11.66 -7.60 10.19
C GLY A 209 -11.73 -8.51 8.98
N LEU A 210 -12.91 -8.94 8.56
CA LEU A 210 -13.02 -9.99 7.54
C LEU A 210 -12.99 -9.40 6.13
N ASN A 211 -12.21 -10.04 5.27
CA ASN A 211 -12.08 -9.62 3.87
C ASN A 211 -13.46 -9.43 3.25
N THR A 212 -13.72 -8.25 2.69
CA THR A 212 -14.93 -7.84 1.98
C THR A 212 -16.15 -7.56 2.88
N ALA A 213 -16.01 -7.64 4.19
CA ALA A 213 -17.14 -7.36 5.08
C ALA A 213 -17.50 -5.88 5.07
N PRO A 214 -18.75 -5.54 5.42
CA PRO A 214 -19.21 -4.17 5.35
C PRO A 214 -18.58 -3.28 6.41
N VAL A 215 -18.60 -1.99 6.07
CA VAL A 215 -17.98 -0.93 6.91
C VAL A 215 -19.05 0.01 7.48
N HIS A 216 -18.99 0.18 8.79
CA HIS A 216 -19.78 1.20 9.47
C HIS A 216 -19.06 2.55 9.50
N GLY A 217 -19.74 3.57 9.08
CA GLY A 217 -19.17 4.91 9.13
C GLY A 217 -20.11 5.91 8.52
N GLY A 218 -19.91 7.14 8.94
CA GLY A 218 -20.66 8.25 8.41
C GLY A 218 -19.97 9.05 7.33
N GLU A 219 -20.70 10.02 6.82
CA GLU A 219 -20.17 10.85 5.70
C GLU A 219 -19.02 11.74 6.19
N ARG A 220 -19.06 12.23 7.42
CA ARG A 220 -17.97 13.06 7.91
C ARG A 220 -16.67 12.24 8.00
N TYR A 221 -16.75 11.02 8.51
CA TYR A 221 -15.55 10.14 8.56
C TYR A 221 -15.05 9.86 7.12
N LEU A 222 -15.95 9.58 6.19
CA LEU A 222 -15.58 9.27 4.81
C LEU A 222 -14.81 10.44 4.23
N ARG A 223 -15.36 11.65 4.35
CA ARG A 223 -14.72 12.85 3.77
C ARG A 223 -13.45 13.25 4.51
N THR A 224 -13.40 13.11 5.81
CA THR A 224 -12.32 13.60 6.64
C THR A 224 -11.11 12.66 6.51
N THR A 225 -11.36 11.36 6.56
CA THR A 225 -10.28 10.35 6.71
C THR A 225 -10.06 9.55 5.44
N TRP A 226 -11.09 9.09 4.78
CA TRP A 226 -10.94 8.08 3.70
C TRP A 226 -10.65 8.72 2.35
N LEU A 227 -11.33 9.79 1.99
CA LEU A 227 -11.24 10.40 0.67
C LEU A 227 -9.92 11.17 0.44
N PRO A 228 -9.26 11.82 1.41
CA PRO A 228 -8.09 12.64 1.07
C PRO A 228 -6.98 11.94 0.30
N SER A 229 -6.62 10.73 0.66
CA SER A 229 -5.53 10.04 -0.05
C SER A 229 -5.96 9.77 -1.50
N PHE A 230 -7.22 9.44 -1.74
CA PHE A 230 -7.76 9.27 -3.09
C PHE A 230 -7.63 10.60 -3.86
N LYS A 231 -8.00 11.71 -3.25
CA LYS A 231 -8.01 13.01 -3.95
C LYS A 231 -6.56 13.34 -4.35
N ARG A 232 -5.57 13.04 -3.53
CA ARG A 232 -4.15 13.38 -3.83
C ARG A 232 -3.71 12.52 -5.02
N ALA A 233 -3.95 11.21 -5.01
CA ALA A 233 -3.48 10.35 -6.09
C ALA A 233 -4.27 10.56 -7.38
N ILE A 234 -5.58 10.77 -7.29
CA ILE A 234 -6.46 10.87 -8.45
C ILE A 234 -6.33 12.26 -9.08
N MET A 235 -6.65 13.31 -8.31
CA MET A 235 -6.77 14.64 -8.90
C MET A 235 -5.39 15.31 -9.02
N ASP A 236 -4.57 15.28 -7.97
CA ASP A 236 -3.30 16.02 -8.03
C ASP A 236 -2.30 15.30 -8.93
N ALA A 237 -2.19 13.97 -8.89
CA ALA A 237 -1.25 13.26 -9.75
C ALA A 237 -1.88 12.95 -11.11
N GLY A 238 -3.18 13.09 -11.30
CA GLY A 238 -3.83 12.84 -12.59
C GLY A 238 -3.92 11.39 -12.96
N ALA A 239 -4.19 10.53 -12.00
CA ALA A 239 -4.39 9.11 -12.33
C ALA A 239 -5.41 8.94 -13.46
N TRP A 240 -5.12 8.04 -14.40
CA TRP A 240 -5.98 7.75 -15.54
C TRP A 240 -7.06 6.72 -15.26
N SER A 241 -7.03 6.06 -14.09
CA SER A 241 -8.13 5.13 -13.78
C SER A 241 -8.20 4.95 -12.25
N ILE A 242 -9.34 4.42 -11.84
CA ILE A 242 -9.68 4.09 -10.43
C ILE A 242 -10.34 2.71 -10.41
N MET A 243 -10.18 2.01 -9.29
CA MET A 243 -10.91 0.76 -9.05
C MET A 243 -11.84 0.94 -7.81
N SER A 244 -13.12 0.74 -7.99
CA SER A 244 -14.03 0.70 -6.85
C SER A 244 -13.84 -0.57 -6.06
N ALA A 245 -14.46 -0.60 -4.87
CA ALA A 245 -14.16 -1.64 -3.87
C ALA A 245 -15.26 -2.68 -3.77
N TYR A 246 -14.96 -3.69 -2.96
CA TYR A 246 -15.89 -4.81 -2.68
C TYR A 246 -16.95 -4.53 -1.61
N HIS A 247 -16.75 -3.59 -0.73
CA HIS A 247 -17.58 -3.44 0.48
C HIS A 247 -18.81 -2.59 0.20
N SER A 248 -19.67 -2.55 1.23
CA SER A 248 -20.66 -1.48 1.45
C SER A 248 -20.19 -0.55 2.58
N TYR A 249 -20.56 0.70 2.40
CA TYR A 249 -20.23 1.75 3.40
C TYR A 249 -21.57 2.37 3.86
N ASP A 250 -21.91 2.15 5.14
CA ASP A 250 -23.25 2.48 5.70
C ASP A 250 -24.36 1.94 4.84
N GLY A 251 -24.13 0.75 4.27
CA GLY A 251 -25.20 0.06 3.54
C GLY A 251 -25.35 0.40 2.08
N ILE A 252 -24.41 1.15 1.49
CA ILE A 252 -24.39 1.38 0.02
C ILE A 252 -23.16 0.69 -0.54
N PRO A 253 -23.30 -0.31 -1.43
CA PRO A 253 -22.13 -0.92 -2.08
C PRO A 253 -21.28 0.16 -2.80
N ALA A 254 -19.97 0.05 -2.61
CA ALA A 254 -19.01 0.97 -3.26
C ALA A 254 -19.13 0.92 -4.76
N VAL A 255 -19.42 -0.26 -5.33
CA VAL A 255 -19.54 -0.43 -6.79
C VAL A 255 -20.83 0.20 -7.33
N ALA A 256 -21.79 0.58 -6.48
CA ALA A 256 -23.11 1.07 -6.87
C ALA A 256 -23.46 2.38 -6.19
N ASP A 257 -22.45 3.12 -5.73
CA ASP A 257 -22.68 4.35 -4.92
C ASP A 257 -22.65 5.59 -5.82
N TYR A 258 -23.79 6.09 -6.22
CA TYR A 258 -23.83 7.29 -7.04
C TYR A 258 -23.24 8.50 -6.33
N HIS A 259 -23.47 8.61 -5.04
CA HIS A 259 -22.94 9.75 -4.27
C HIS A 259 -21.42 9.82 -4.36
N THR A 260 -20.73 8.72 -4.15
CA THR A 260 -19.27 8.72 -4.19
C THR A 260 -18.77 8.72 -5.64
N LEU A 261 -19.27 7.82 -6.45
CA LEU A 261 -18.71 7.61 -7.80
C LEU A 261 -19.06 8.75 -8.75
N THR A 262 -20.20 9.40 -8.55
CA THR A 262 -20.61 10.49 -9.47
C THR A 262 -20.60 11.84 -8.75
N GLU A 263 -21.37 11.98 -7.67
CA GLU A 263 -21.51 13.32 -7.03
C GLU A 263 -20.18 13.83 -6.52
N ILE A 264 -19.41 13.03 -5.79
CA ILE A 264 -18.13 13.51 -5.28
C ILE A 264 -17.09 13.44 -6.41
N LEU A 265 -16.84 12.24 -6.95
CA LEU A 265 -15.70 12.02 -7.84
C LEU A 265 -15.82 12.91 -9.09
N ARG A 266 -16.99 13.00 -9.71
CA ARG A 266 -17.12 13.82 -10.93
C ARG A 266 -17.65 15.21 -10.61
N GLU A 267 -18.80 15.35 -9.94
CA GLU A 267 -19.40 16.68 -9.85
C GLU A 267 -18.62 17.62 -8.91
N GLU A 268 -18.05 17.14 -7.82
CA GLU A 268 -17.23 17.97 -6.91
C GLU A 268 -15.80 18.04 -7.45
N TRP A 269 -15.16 16.93 -7.69
CA TRP A 269 -13.70 16.89 -7.97
C TRP A 269 -13.38 17.18 -9.42
N GLY A 270 -14.25 16.79 -10.34
CA GLY A 270 -13.96 16.96 -11.78
C GLY A 270 -13.08 15.87 -12.34
N TYR A 271 -13.12 14.66 -11.78
CA TYR A 271 -12.40 13.51 -12.38
C TYR A 271 -12.85 13.25 -13.81
N LYS A 272 -11.86 13.10 -14.72
CA LYS A 272 -12.16 12.99 -16.17
C LYS A 272 -12.21 11.58 -16.71
N TYR A 273 -11.77 10.56 -15.97
CA TYR A 273 -11.54 9.23 -16.55
C TYR A 273 -12.50 8.19 -15.98
N TRP A 274 -12.03 6.96 -15.98
CA TRP A 274 -12.93 5.79 -15.81
C TRP A 274 -12.69 5.07 -14.49
N VAL A 275 -13.75 4.37 -14.09
CA VAL A 275 -13.76 3.51 -12.86
C VAL A 275 -14.04 2.09 -13.30
N THR A 276 -13.21 1.15 -12.84
CA THR A 276 -13.50 -0.27 -13.00
C THR A 276 -14.00 -0.83 -11.65
N SER A 277 -14.85 -1.84 -11.72
CA SER A 277 -15.15 -2.65 -10.53
C SER A 277 -13.91 -3.42 -10.12
N ASP A 278 -13.93 -3.99 -8.94
CA ASP A 278 -12.96 -5.01 -8.52
C ASP A 278 -13.45 -6.38 -9.09
N ALA A 279 -12.65 -7.39 -8.90
CA ALA A 279 -12.80 -8.69 -9.61
C ALA A 279 -14.00 -9.48 -9.03
N GLY A 280 -15.05 -9.61 -9.81
CA GLY A 280 -16.30 -10.21 -9.32
C GLY A 280 -17.07 -9.31 -8.40
N ALA A 281 -16.71 -8.04 -8.34
CA ALA A 281 -17.46 -7.09 -7.50
C ALA A 281 -18.84 -6.81 -8.05
N SER A 282 -19.03 -6.95 -9.36
CA SER A 282 -20.33 -6.73 -10.01
C SER A 282 -21.32 -7.81 -9.51
N ASP A 283 -20.93 -9.08 -9.55
CA ASP A 283 -21.85 -10.19 -9.12
C ASP A 283 -22.32 -9.94 -7.68
N ARG A 284 -21.42 -9.44 -6.84
CA ARG A 284 -21.71 -9.27 -5.39
C ARG A 284 -22.97 -8.45 -5.17
N VAL A 285 -23.33 -7.52 -6.07
CA VAL A 285 -24.56 -6.75 -5.94
C VAL A 285 -25.74 -7.69 -5.65
N CYS A 286 -25.78 -8.83 -6.31
CA CYS A 286 -26.78 -9.87 -6.01
C CYS A 286 -26.26 -10.85 -4.96
N THR A 287 -25.11 -11.45 -5.13
CA THR A 287 -24.71 -12.66 -4.40
C THR A 287 -24.34 -12.36 -2.95
N ALA A 288 -23.79 -11.23 -2.64
CA ALA A 288 -23.35 -10.84 -1.28
C ALA A 288 -24.31 -9.84 -0.67
N PHE A 289 -24.70 -8.81 -1.40
CA PHE A 289 -25.53 -7.73 -0.91
C PHE A 289 -27.02 -7.97 -1.00
N LYS A 290 -27.46 -8.94 -1.84
CA LYS A 290 -28.88 -9.27 -1.99
C LYS A 290 -29.71 -8.10 -2.45
N LEU A 291 -29.16 -7.35 -3.42
CA LEU A 291 -29.91 -6.24 -4.06
C LEU A 291 -30.64 -6.72 -5.33
N CYS A 292 -30.56 -8.02 -5.60
CA CYS A 292 -31.15 -8.65 -6.79
C CYS A 292 -31.02 -10.14 -6.60
N ARG A 293 -31.71 -10.88 -7.49
CA ARG A 293 -31.70 -12.36 -7.45
C ARG A 293 -30.30 -12.90 -7.73
N ALA A 294 -29.80 -13.82 -6.89
CA ALA A 294 -28.46 -14.41 -7.01
C ALA A 294 -28.45 -15.64 -7.87
N ASP A 295 -29.55 -16.39 -7.94
CA ASP A 295 -29.49 -17.76 -8.52
C ASP A 295 -30.75 -17.99 -9.34
N PRO A 296 -30.71 -17.88 -10.70
CA PRO A 296 -29.54 -17.47 -11.46
C PRO A 296 -29.33 -15.94 -11.35
N ILE A 297 -28.10 -15.49 -11.54
CA ILE A 297 -27.79 -14.07 -11.29
C ILE A 297 -28.64 -13.21 -12.21
N ASP A 298 -29.19 -12.13 -11.67
CA ASP A 298 -29.94 -11.13 -12.42
C ASP A 298 -28.95 -10.15 -13.07
N LYS A 299 -28.43 -10.52 -14.21
CA LYS A 299 -27.34 -9.75 -14.87
C LYS A 299 -27.84 -8.37 -15.23
N GLU A 300 -29.11 -8.23 -15.65
CA GLU A 300 -29.69 -6.90 -15.96
C GLU A 300 -29.66 -6.02 -14.70
N ALA A 301 -30.13 -6.55 -13.59
CA ALA A 301 -30.20 -5.75 -12.35
C ALA A 301 -28.78 -5.29 -11.94
N VAL A 302 -27.78 -6.15 -12.07
CA VAL A 302 -26.42 -5.75 -11.72
C VAL A 302 -26.02 -4.54 -12.57
N THR A 303 -26.24 -4.64 -13.86
CA THR A 303 -25.79 -3.62 -14.83
C THR A 303 -26.53 -2.31 -14.54
N LEU A 304 -27.85 -2.39 -14.27
CA LEU A 304 -28.66 -1.18 -13.98
C LEU A 304 -28.26 -0.54 -12.65
N ALA A 305 -27.68 -1.30 -11.72
CA ALA A 305 -27.24 -0.74 -10.43
C ALA A 305 -25.91 -0.01 -10.60
N ILE A 306 -24.95 -0.64 -11.25
CA ILE A 306 -23.53 -0.16 -11.17
C ILE A 306 -23.20 0.82 -12.29
N LEU A 307 -23.64 0.58 -13.50
CA LEU A 307 -23.20 1.45 -14.65
C LEU A 307 -23.74 2.86 -14.45
N PRO A 308 -25.04 3.07 -14.15
CA PRO A 308 -25.52 4.43 -13.94
C PRO A 308 -24.96 5.07 -12.67
N ALA A 309 -24.47 4.28 -11.71
CA ALA A 309 -23.90 4.85 -10.51
C ALA A 309 -22.60 5.58 -10.79
N GLY A 310 -21.92 5.21 -11.85
CA GLY A 310 -20.59 5.74 -12.20
C GLY A 310 -19.49 4.70 -12.24
N ASN A 311 -19.82 3.40 -12.18
CA ASN A 311 -18.83 2.33 -12.31
C ASN A 311 -18.84 1.96 -13.78
N ASP A 312 -17.88 2.49 -14.55
CA ASP A 312 -17.88 2.39 -16.02
C ASP A 312 -17.57 1.02 -16.57
N VAL A 313 -16.66 0.30 -15.94
CA VAL A 313 -16.05 -0.92 -16.49
C VAL A 313 -16.26 -2.11 -15.52
N GLU A 314 -16.66 -3.22 -16.08
CA GLU A 314 -16.85 -4.46 -15.32
C GLU A 314 -15.57 -5.29 -15.42
N MET A 315 -14.91 -5.53 -14.31
CA MET A 315 -13.74 -6.43 -14.25
CA MET A 315 -13.74 -6.43 -14.25
C MET A 315 -14.18 -7.90 -14.46
N GLY A 316 -13.25 -8.69 -14.95
CA GLY A 316 -13.40 -10.15 -14.91
C GLY A 316 -13.52 -10.71 -13.54
N GLY A 317 -13.73 -12.03 -13.45
CA GLY A 317 -13.87 -12.73 -12.15
C GLY A 317 -15.31 -12.84 -11.70
N GLY A 318 -16.24 -12.30 -12.42
CA GLY A 318 -17.67 -12.39 -12.17
C GLY A 318 -18.39 -13.09 -13.30
N SER A 319 -19.60 -12.68 -13.55
CA SER A 319 -20.48 -13.28 -14.55
C SER A 319 -20.61 -12.41 -15.81
N TYR A 320 -19.83 -11.35 -15.96
CA TYR A 320 -19.85 -10.51 -17.18
C TYR A 320 -21.26 -10.03 -17.44
N ASN A 321 -21.84 -9.44 -16.40
CA ASN A 321 -23.22 -8.92 -16.36
C ASN A 321 -23.46 -7.87 -17.43
N PHE A 322 -22.42 -7.09 -17.78
CA PHE A 322 -22.54 -6.01 -18.76
C PHE A 322 -22.82 -6.55 -20.16
N GLU A 323 -22.72 -7.83 -20.41
CA GLU A 323 -23.18 -8.38 -21.73
C GLU A 323 -24.66 -8.07 -21.97
N THR A 324 -25.41 -7.72 -20.92
CA THR A 324 -26.81 -7.28 -21.04
C THR A 324 -27.00 -5.86 -21.59
N ILE A 325 -25.92 -5.08 -21.74
CA ILE A 325 -26.07 -3.68 -22.18
C ILE A 325 -26.87 -3.59 -23.49
N ILE A 326 -26.62 -4.51 -24.42
CA ILE A 326 -27.29 -4.40 -25.76
C ILE A 326 -28.80 -4.53 -25.52
N ASP A 327 -29.20 -5.60 -24.82
CA ASP A 327 -30.65 -5.83 -24.57
C ASP A 327 -31.26 -4.68 -23.77
N LEU A 328 -30.54 -4.15 -22.77
CA LEU A 328 -31.11 -3.10 -21.92
C LEU A 328 -31.34 -1.81 -22.71
N VAL A 329 -30.39 -1.45 -23.58
CA VAL A 329 -30.55 -0.22 -24.39
C VAL A 329 -31.70 -0.44 -25.39
N ASN A 330 -31.75 -1.58 -26.05
CA ASN A 330 -32.79 -1.88 -27.06
C ASN A 330 -34.18 -1.95 -26.40
N ALA A 331 -34.30 -2.31 -25.12
CA ALA A 331 -35.59 -2.37 -24.41
C ALA A 331 -35.99 -1.01 -23.84
N GLY A 332 -35.11 -0.01 -23.86
CA GLY A 332 -35.42 1.28 -23.25
C GLY A 332 -35.23 1.31 -21.75
N LYS A 333 -34.51 0.35 -21.21
CA LYS A 333 -34.27 0.25 -19.74
C LYS A 333 -33.00 0.99 -19.33
N LEU A 334 -32.07 1.13 -20.27
CA LEU A 334 -30.78 1.82 -20.04
C LEU A 334 -30.63 2.92 -21.09
N ASP A 335 -30.43 4.15 -20.67
CA ASP A 335 -30.24 5.31 -21.59
C ASP A 335 -28.89 5.12 -22.30
N ILE A 336 -28.90 5.24 -23.61
CA ILE A 336 -27.63 5.16 -24.37
C ILE A 336 -26.67 6.24 -23.84
N GLU A 337 -27.13 7.37 -23.34
CA GLU A 337 -26.22 8.43 -22.85
C GLU A 337 -25.39 7.92 -21.69
N ILE A 338 -25.91 7.03 -20.87
CA ILE A 338 -25.12 6.50 -19.75
C ILE A 338 -23.99 5.63 -20.32
N VAL A 339 -24.28 4.79 -21.32
CA VAL A 339 -23.25 3.98 -22.00
C VAL A 339 -22.20 4.88 -22.67
N ASN A 340 -22.67 5.90 -23.37
CA ASN A 340 -21.79 6.82 -24.10
C ASN A 340 -20.84 7.55 -23.13
N THR A 341 -21.35 7.96 -21.98
CA THR A 341 -20.50 8.62 -20.97
C THR A 341 -19.41 7.67 -20.48
N ALA A 342 -19.79 6.43 -20.14
CA ALA A 342 -18.82 5.42 -19.68
C ALA A 342 -17.74 5.17 -20.75
N VAL A 343 -18.18 4.93 -21.98
CA VAL A 343 -17.21 4.67 -23.06
C VAL A 343 -16.30 5.88 -23.25
N SER A 344 -16.89 7.07 -23.22
CA SER A 344 -16.11 8.33 -23.42
C SER A 344 -14.98 8.42 -22.41
N ARG A 345 -15.22 8.03 -21.14
CA ARG A 345 -14.22 8.09 -20.07
C ARG A 345 -13.05 7.14 -20.39
N VAL A 346 -13.35 5.95 -20.86
CA VAL A 346 -12.31 4.97 -21.22
C VAL A 346 -11.50 5.52 -22.43
N LEU A 347 -12.23 5.97 -23.44
CA LEU A 347 -11.53 6.48 -24.66
C LEU A 347 -10.67 7.68 -24.32
N ARG A 348 -11.17 8.62 -23.49
CA ARG A 348 -10.41 9.82 -23.10
C ARG A 348 -9.07 9.41 -22.54
N ALA A 349 -9.03 8.46 -21.61
CA ALA A 349 -7.76 8.02 -21.02
C ALA A 349 -6.88 7.44 -22.14
N LYS A 350 -7.42 6.57 -22.99
CA LYS A 350 -6.60 5.89 -24.04
C LYS A 350 -6.00 6.97 -24.99
N PHE A 351 -6.76 7.98 -25.35
CA PHE A 351 -6.19 9.07 -26.19
C PHE A 351 -5.08 9.79 -25.48
N GLU A 352 -5.31 10.20 -24.23
CA GLU A 352 -4.34 11.01 -23.48
C GLU A 352 -3.07 10.21 -23.22
N MET A 353 -3.19 8.90 -22.97
CA MET A 353 -2.02 8.05 -22.75
C MET A 353 -1.14 8.00 -24.01
N GLY A 354 -1.72 8.23 -25.18
CA GLY A 354 -0.99 8.10 -26.44
C GLY A 354 -1.19 6.77 -27.13
N LEU A 355 -2.11 5.93 -26.67
CA LEU A 355 -2.25 4.57 -27.23
C LEU A 355 -2.63 4.55 -28.68
N PHE A 356 -3.40 5.49 -29.17
CA PHE A 356 -3.79 5.45 -30.60
C PHE A 356 -2.56 5.71 -31.48
N GLU A 357 -1.57 6.42 -30.99
CA GLU A 357 -0.34 6.71 -31.74
C GLU A 357 0.74 5.65 -31.48
N ASN A 358 0.67 4.94 -30.37
CA ASN A 358 1.68 3.95 -29.91
C ASN A 358 0.95 2.80 -29.24
N PRO A 359 0.28 1.93 -29.99
CA PRO A 359 -0.53 0.86 -29.36
C PRO A 359 0.27 -0.23 -28.68
N TYR A 360 1.52 -0.41 -29.06
CA TYR A 360 2.25 -1.58 -28.48
C TYR A 360 3.61 -1.03 -28.07
N ASN A 361 3.87 -0.83 -26.77
CA ASN A 361 5.04 -0.11 -26.18
C ASN A 361 6.12 -1.11 -25.74
N ALA A 362 6.04 -2.40 -26.09
CA ALA A 362 7.07 -3.35 -25.64
C ALA A 362 8.41 -3.04 -26.31
N ALA A 363 9.46 -3.32 -25.57
CA ALA A 363 10.82 -3.33 -26.09
C ALA A 363 11.05 -4.65 -26.81
N PRO A 364 12.04 -4.66 -27.73
CA PRO A 364 12.47 -5.92 -28.30
C PRO A 364 13.12 -6.82 -27.25
N ALA A 365 13.05 -8.11 -27.53
CA ALA A 365 13.56 -9.18 -26.64
C ALA A 365 15.03 -8.90 -26.32
N SER A 366 15.82 -8.43 -27.27
CA SER A 366 17.26 -8.20 -26.99
C SER A 366 17.45 -7.12 -25.93
N GLU A 367 16.43 -6.36 -25.53
CA GLU A 367 16.63 -5.27 -24.58
C GLU A 367 16.04 -5.60 -23.19
N TRP A 368 15.35 -6.71 -23.04
CA TRP A 368 14.64 -7.00 -21.77
C TRP A 368 15.61 -7.02 -20.59
N ASN A 369 16.80 -7.61 -20.71
CA ASN A 369 17.75 -7.67 -19.57
C ASN A 369 18.40 -6.32 -19.31
N LYS A 370 18.25 -5.32 -20.19
CA LYS A 370 18.71 -3.97 -19.93
C LYS A 370 17.59 -3.13 -19.31
N LEU A 371 16.37 -3.67 -19.22
CA LEU A 371 15.23 -2.90 -18.67
C LEU A 371 14.65 -3.53 -17.38
N ILE A 372 14.70 -4.84 -17.27
CA ILE A 372 14.05 -5.61 -16.17
C ILE A 372 15.12 -6.16 -15.26
N HIS A 373 14.99 -5.95 -13.94
CA HIS A 373 15.90 -6.50 -12.94
C HIS A 373 17.30 -5.94 -13.19
N THR A 374 17.38 -4.65 -13.50
CA THR A 374 18.68 -3.96 -13.64
C THR A 374 19.35 -3.77 -12.29
N GLN A 375 20.67 -3.57 -12.31
CA GLN A 375 21.39 -3.26 -11.06
C GLN A 375 20.82 -1.97 -10.44
N GLU A 376 20.42 -0.97 -11.23
CA GLU A 376 19.88 0.30 -10.71
C GLU A 376 18.64 -0.06 -9.85
N ALA A 377 17.81 -0.96 -10.35
CA ALA A 377 16.54 -1.31 -9.65
C ALA A 377 16.87 -2.10 -8.39
N VAL A 378 17.78 -3.05 -8.44
CA VAL A 378 18.18 -3.89 -7.28
C VAL A 378 18.82 -3.01 -6.21
N ASP A 379 19.67 -2.06 -6.61
CA ASP A 379 20.30 -1.11 -5.67
C ASP A 379 19.21 -0.27 -4.98
N LEU A 380 18.26 0.19 -5.74
CA LEU A 380 17.13 1.01 -5.18
C LEU A 380 16.32 0.14 -4.22
N ALA A 381 16.06 -1.12 -4.56
CA ALA A 381 15.35 -2.06 -3.65
C ALA A 381 16.06 -2.10 -2.31
N ARG A 382 17.38 -2.25 -2.30
CA ARG A 382 18.14 -2.31 -1.06
C ARG A 382 18.07 -0.97 -0.31
N GLU A 383 18.21 0.13 -1.04
CA GLU A 383 18.22 1.47 -0.42
C GLU A 383 16.86 1.74 0.25
N LEU A 384 15.79 1.50 -0.48
CA LEU A 384 14.46 1.81 0.07
C LEU A 384 14.14 0.88 1.24
N ASP A 385 14.45 -0.40 1.13
CA ASP A 385 14.25 -1.36 2.25
C ASP A 385 15.02 -0.87 3.48
N ARG A 386 16.30 -0.55 3.32
CA ARG A 386 17.13 -0.06 4.44
C ARG A 386 16.49 1.16 5.11
N GLU A 387 15.98 2.12 4.34
CA GLU A 387 15.34 3.36 4.84
C GLU A 387 14.01 3.06 5.52
N SER A 388 13.48 1.86 5.35
CA SER A 388 12.11 1.50 5.89
C SER A 388 12.20 0.79 7.24
N ILE A 389 13.36 0.28 7.60
CA ILE A 389 13.57 -0.48 8.85
C ILE A 389 13.41 0.48 10.03
N VAL A 390 12.62 0.04 11.04
CA VAL A 390 12.32 0.85 12.21
C VAL A 390 12.99 0.25 13.45
N LEU A 391 13.81 1.06 14.12
CA LEU A 391 14.42 0.63 15.39
C LEU A 391 13.39 0.89 16.50
N LEU A 392 12.95 -0.14 17.18
CA LEU A 392 11.95 0.03 18.26
C LEU A 392 12.62 0.16 19.63
N GLU A 393 13.65 -0.65 19.91
CA GLU A 393 14.40 -0.58 21.16
C GLU A 393 15.88 -0.86 20.87
N ASN A 394 16.71 -0.27 21.72
CA ASN A 394 18.17 -0.50 21.69
C ASN A 394 18.74 -0.16 23.07
N HIS A 395 18.91 -1.19 23.89
CA HIS A 395 19.35 -1.01 25.30
C HIS A 395 20.87 -1.05 25.36
N ASP A 396 21.43 -0.01 26.00
CA ASP A 396 22.86 -0.02 26.37
C ASP A 396 23.75 -0.33 25.14
N ASN A 397 23.44 0.34 24.03
CA ASN A 397 24.23 0.25 22.77
C ASN A 397 24.42 -1.20 22.28
N ALA A 398 23.44 -2.07 22.47
CA ALA A 398 23.46 -3.45 21.93
C ALA A 398 23.72 -3.36 20.44
N LEU A 399 23.03 -2.45 19.77
CA LEU A 399 23.22 -2.18 18.34
C LEU A 399 23.90 -0.84 18.19
N PRO A 400 24.75 -0.66 17.14
CA PRO A 400 25.00 -1.68 16.15
C PRO A 400 25.99 -2.76 16.65
N LEU A 401 25.91 -3.93 16.04
CA LEU A 401 26.83 -5.05 16.28
C LEU A 401 28.22 -4.76 15.69
N LYS A 402 29.22 -5.33 16.34
CA LYS A 402 30.60 -5.37 15.79
C LYS A 402 30.76 -6.57 14.85
N LYS A 403 31.61 -6.44 13.83
CA LYS A 403 31.98 -7.56 12.94
C LYS A 403 33.21 -8.23 13.58
N SER A 404 32.96 -9.02 14.61
CA SER A 404 33.98 -9.75 15.38
C SER A 404 33.26 -10.82 16.19
N GLY A 405 34.03 -11.77 16.73
CA GLY A 405 33.43 -12.68 17.70
C GLY A 405 32.48 -13.64 17.02
N SER A 406 31.41 -14.02 17.71
CA SER A 406 30.46 -15.04 17.26
C SER A 406 29.06 -14.41 17.39
N ILE A 407 28.24 -14.72 16.43
CA ILE A 407 26.86 -14.19 16.33
C ILE A 407 25.94 -15.39 16.03
N ALA A 408 24.91 -15.59 16.87
CA ALA A 408 23.89 -16.59 16.57
C ALA A 408 22.79 -15.93 15.72
N VAL A 409 22.36 -16.65 14.68
CA VAL A 409 21.26 -16.22 13.80
C VAL A 409 20.21 -17.32 13.84
N ILE A 410 19.06 -16.96 14.43
CA ILE A 410 18.07 -17.95 14.86
C ILE A 410 16.69 -17.55 14.36
N GLY A 411 15.89 -18.53 13.99
CA GLY A 411 14.43 -18.29 13.88
C GLY A 411 13.90 -18.65 12.51
N PRO A 412 12.58 -18.88 12.38
CA PRO A 412 12.02 -19.36 11.13
C PRO A 412 12.18 -18.36 9.97
N MET A 413 12.23 -17.06 10.29
CA MET A 413 12.30 -16.07 9.22
C MET A 413 13.76 -15.71 8.92
N ALA A 414 14.74 -16.36 9.55
CA ALA A 414 16.15 -16.00 9.32
C ALA A 414 16.65 -16.59 8.00
N HIS A 415 16.10 -17.69 7.53
CA HIS A 415 16.61 -18.42 6.36
C HIS A 415 15.61 -19.46 5.92
N GLY A 416 15.77 -19.93 4.69
CA GLY A 416 15.03 -21.07 4.15
C GLY A 416 13.91 -20.72 3.21
N PHE A 417 13.46 -19.50 3.26
CA PHE A 417 12.46 -18.92 2.37
C PHE A 417 12.59 -17.41 2.53
N MET A 418 12.20 -16.70 1.49
CA MET A 418 12.11 -15.22 1.59
C MET A 418 10.70 -14.86 2.07
N ASN A 419 10.65 -14.00 3.08
CA ASN A 419 9.36 -13.65 3.74
C ASN A 419 8.65 -12.52 2.97
N TYR A 420 8.39 -12.69 1.68
CA TYR A 420 7.72 -11.67 0.87
C TYR A 420 6.27 -11.51 1.28
N GLY A 421 5.79 -10.31 1.06
CA GLY A 421 4.37 -10.02 1.17
C GLY A 421 3.61 -10.57 0.03
N ASP A 422 2.29 -10.37 0.04
CA ASP A 422 1.43 -10.80 -1.07
C ASP A 422 1.74 -9.97 -2.33
N TYR A 423 1.14 -10.36 -3.44
CA TYR A 423 1.30 -9.75 -4.78
C TYR A 423 2.77 -9.88 -5.21
N VAL A 424 3.31 -11.07 -5.03
CA VAL A 424 4.52 -11.58 -5.71
C VAL A 424 4.11 -12.80 -6.55
N VAL A 425 4.87 -13.08 -7.63
CA VAL A 425 4.60 -14.23 -8.52
C VAL A 425 4.99 -15.53 -7.80
N TYR A 426 4.34 -16.58 -8.25
CA TYR A 426 4.63 -17.97 -7.82
C TYR A 426 6.15 -18.22 -7.87
N GLU A 427 6.64 -18.77 -6.79
CA GLU A 427 8.03 -19.28 -6.56
C GLU A 427 9.00 -18.13 -6.34
N SER A 428 8.50 -16.90 -6.15
CA SER A 428 9.38 -15.81 -5.72
C SER A 428 10.15 -16.13 -4.46
N GLN A 429 9.57 -16.85 -3.49
CA GLN A 429 10.18 -17.03 -2.15
C GLN A 429 11.53 -17.79 -2.23
N TYR A 430 11.84 -18.39 -3.38
CA TYR A 430 13.10 -19.16 -3.53
C TYR A 430 14.26 -18.28 -4.01
N ARG A 431 14.03 -16.99 -4.25
CA ARG A 431 15.10 -16.08 -4.66
C ARG A 431 15.10 -14.86 -3.76
N GLY A 432 16.27 -14.39 -3.40
CA GLY A 432 16.49 -13.17 -2.62
C GLY A 432 17.46 -13.39 -1.47
N VAL A 433 17.83 -12.32 -0.81
CA VAL A 433 18.82 -12.33 0.28
C VAL A 433 18.06 -12.47 1.61
N THR A 434 18.24 -13.59 2.28
CA THR A 434 17.66 -13.83 3.62
C THR A 434 18.48 -13.06 4.65
N PRO A 435 17.97 -12.89 5.90
CA PRO A 435 18.79 -12.35 6.99
C PRO A 435 20.11 -13.11 7.12
N LEU A 436 20.06 -14.43 7.16
CA LEU A 436 21.32 -15.21 7.33
C LEU A 436 22.27 -14.89 6.18
N ASP A 437 21.77 -14.89 4.94
CA ASP A 437 22.62 -14.58 3.78
C ASP A 437 23.27 -13.20 3.96
N GLY A 438 22.50 -12.20 4.37
CA GLY A 438 23.03 -10.85 4.49
C GLY A 438 24.03 -10.71 5.61
N ILE A 439 23.77 -11.36 6.77
CA ILE A 439 24.67 -11.31 7.92
C ILE A 439 25.99 -12.04 7.56
N LYS A 440 25.91 -13.20 6.96
CA LYS A 440 27.14 -13.95 6.55
C LYS A 440 27.93 -13.10 5.57
N ALA A 441 27.29 -12.46 4.60
CA ALA A 441 28.01 -11.63 3.62
C ALA A 441 28.69 -10.43 4.30
N ALA A 442 28.03 -9.82 5.26
CA ALA A 442 28.51 -8.62 5.94
C ALA A 442 29.76 -8.93 6.73
N VAL A 443 29.79 -10.05 7.44
CA VAL A 443 30.94 -10.30 8.37
C VAL A 443 32.11 -10.98 7.64
N GLY A 444 31.86 -11.69 6.55
CA GLY A 444 32.93 -12.45 5.89
C GLY A 444 33.60 -13.38 6.86
N ASP A 445 34.95 -13.36 6.94
CA ASP A 445 35.70 -14.28 7.82
C ASP A 445 35.99 -13.60 9.15
N LYS A 446 35.37 -12.46 9.48
CA LYS A 446 35.72 -11.74 10.71
C LYS A 446 34.89 -12.19 11.92
N ALA A 447 33.75 -12.87 11.70
CA ALA A 447 32.93 -13.35 12.82
C ALA A 447 32.45 -14.75 12.45
N THR A 448 32.17 -15.55 13.48
CA THR A 448 31.61 -16.89 13.25
C THR A 448 30.08 -16.71 13.39
N ILE A 449 29.33 -17.26 12.45
CA ILE A 449 27.85 -17.25 12.41
C ILE A 449 27.34 -18.63 12.79
N ASN A 450 26.55 -18.70 13.85
CA ASN A 450 25.96 -19.96 14.32
C ASN A 450 24.45 -19.88 14.03
N TYR A 451 23.99 -20.61 13.03
CA TYR A 451 22.60 -20.63 12.56
C TYR A 451 21.86 -21.79 13.22
N ALA A 452 20.62 -21.52 13.62
CA ALA A 452 19.64 -22.58 13.95
C ALA A 452 18.24 -22.09 13.60
N GLN A 453 17.46 -22.91 12.92
CA GLN A 453 16.06 -22.54 12.56
C GLN A 453 15.26 -22.25 13.83
N GLY A 454 15.37 -23.08 14.85
CA GLY A 454 14.68 -22.87 16.14
C GLY A 454 13.27 -23.46 16.09
N CYS A 455 12.43 -23.04 15.13
CA CYS A 455 11.08 -23.58 14.97
C CYS A 455 10.57 -23.34 13.56
N GLU A 456 9.51 -24.03 13.16
CA GLU A 456 8.73 -23.74 11.94
C GLU A 456 7.66 -22.72 12.30
N ARG A 457 7.47 -21.73 11.41
CA ARG A 457 6.52 -20.63 11.74
C ARG A 457 5.09 -21.13 11.94
N TRP A 458 4.74 -22.22 11.27
CA TRP A 458 3.37 -22.77 11.25
C TRP A 458 3.19 -23.89 12.28
N SER A 459 4.10 -24.05 13.25
CA SER A 459 4.00 -25.14 14.25
C SER A 459 4.34 -24.71 15.66
N ASN A 460 3.66 -25.32 16.67
CA ASN A 460 4.02 -25.14 18.10
C ASN A 460 5.09 -26.19 18.51
N ASP A 461 5.61 -27.01 17.57
CA ASP A 461 6.67 -28.00 17.91
C ASP A 461 7.92 -27.26 18.42
N GLN A 462 8.50 -27.69 19.56
CA GLN A 462 9.66 -27.07 20.21
C GLN A 462 10.88 -27.97 20.09
N SER A 463 10.85 -28.95 19.19
CA SER A 463 11.94 -29.96 19.07
C SER A 463 13.23 -29.28 18.56
N GLY A 464 13.15 -28.09 17.97
CA GLY A 464 14.34 -27.38 17.44
C GLY A 464 14.97 -26.45 18.46
N PHE A 465 14.35 -26.25 19.63
CA PHE A 465 14.83 -25.29 20.63
C PHE A 465 16.23 -25.67 21.10
N ALA A 466 16.52 -26.95 21.39
CA ALA A 466 17.81 -27.27 22.05
C ALA A 466 18.97 -26.82 21.13
N GLU A 467 18.81 -27.04 19.84
CA GLU A 467 19.85 -26.63 18.85
C GLU A 467 20.01 -25.10 18.87
N ALA A 468 18.91 -24.35 18.91
CA ALA A 468 19.02 -22.89 18.93
C ALA A 468 19.62 -22.41 20.23
N VAL A 469 19.24 -23.02 21.37
CA VAL A 469 19.84 -22.60 22.65
C VAL A 469 21.37 -22.83 22.60
N GLU A 470 21.82 -23.97 22.03
CA GLU A 470 23.26 -24.31 21.86
C GLU A 470 23.94 -23.26 20.97
N ALA A 471 23.29 -22.86 19.85
CA ALA A 471 23.83 -21.81 18.97
C ALA A 471 24.01 -20.53 19.79
N ALA A 472 22.98 -20.10 20.55
CA ALA A 472 23.06 -18.86 21.34
C ALA A 472 24.20 -18.99 22.35
N LYS A 473 24.25 -20.08 23.12
CA LYS A 473 25.22 -20.20 24.24
C LYS A 473 26.67 -20.09 23.71
N LYS A 474 26.92 -20.52 22.48
CA LYS A 474 28.28 -20.48 21.93
C LYS A 474 28.56 -19.14 21.26
N SER A 475 27.67 -18.18 21.37
CA SER A 475 27.81 -16.86 20.69
C SER A 475 27.86 -15.69 21.67
N ASP A 476 28.31 -14.52 21.20
CA ASP A 476 28.43 -13.30 22.02
C ASP A 476 27.08 -12.55 22.01
N VAL A 477 26.29 -12.76 21.00
CA VAL A 477 24.99 -12.07 20.73
C VAL A 477 24.16 -12.98 19.86
N ALA A 478 22.83 -12.86 20.00
CA ALA A 478 21.89 -13.67 19.21
C ALA A 478 20.90 -12.73 18.48
N VAL A 479 20.71 -12.95 17.20
CA VAL A 479 19.67 -12.29 16.38
C VAL A 479 18.60 -13.30 16.07
N VAL A 480 17.38 -13.04 16.54
CA VAL A 480 16.24 -13.95 16.39
C VAL A 480 15.23 -13.27 15.48
N VAL A 481 14.86 -13.94 14.41
CA VAL A 481 14.01 -13.41 13.33
C VAL A 481 12.71 -14.23 13.26
N VAL A 482 11.60 -13.57 13.56
CA VAL A 482 10.24 -14.16 13.69
C VAL A 482 9.25 -13.17 13.07
N GLY A 483 8.02 -13.62 12.90
CA GLY A 483 6.98 -12.69 12.51
C GLY A 483 5.74 -13.34 11.92
N THR A 484 5.22 -12.74 10.87
CA THR A 484 4.08 -13.23 10.11
C THR A 484 4.55 -13.67 8.73
N TRP A 485 3.68 -14.27 7.97
CA TRP A 485 4.01 -14.67 6.57
C TRP A 485 2.80 -14.60 5.71
N SER A 486 3.02 -14.44 4.43
CA SER A 486 1.99 -14.45 3.41
C SER A 486 2.29 -15.52 2.36
N ARG A 487 1.64 -15.40 1.23
CA ARG A 487 1.82 -16.31 0.11
C ARG A 487 1.76 -15.56 -1.22
N ASP A 488 2.36 -16.21 -2.23
CA ASP A 488 2.42 -15.67 -3.60
C ASP A 488 1.11 -15.91 -4.34
N GLN A 489 1.03 -15.42 -5.57
CA GLN A 489 -0.26 -15.36 -6.29
C GLN A 489 -0.75 -16.72 -6.78
N LYS A 490 0.00 -17.79 -6.58
CA LYS A 490 -0.56 -19.14 -6.76
C LYS A 490 -0.86 -19.78 -5.39
N GLU A 491 0.09 -19.75 -4.46
CA GLU A 491 -0.06 -20.43 -3.16
C GLU A 491 -1.17 -19.78 -2.36
N LEU A 492 -1.31 -18.46 -2.41
CA LEU A 492 -2.33 -17.78 -1.57
C LEU A 492 -3.71 -18.31 -1.96
N TRP A 493 -4.01 -18.40 -3.23
CA TRP A 493 -5.35 -18.74 -3.75
C TRP A 493 -5.54 -20.26 -3.77
N ALA A 494 -4.49 -21.02 -3.65
CA ALA A 494 -4.56 -22.50 -3.52
C ALA A 494 -4.90 -22.83 -2.08
N GLY A 495 -4.82 -21.88 -1.18
CA GLY A 495 -5.14 -22.10 0.23
C GLY A 495 -4.03 -22.45 1.16
N LEU A 496 -2.77 -22.26 0.78
CA LEU A 496 -1.68 -22.60 1.72
C LEU A 496 -1.65 -21.65 2.93
N ASN A 497 -1.18 -22.16 4.05
CA ASN A 497 -1.25 -21.44 5.33
C ASN A 497 -0.51 -20.11 5.26
N ALA A 498 -1.10 -19.14 5.94
CA ALA A 498 -0.59 -17.77 5.97
C ALA A 498 -1.16 -17.06 7.19
N THR A 499 -0.50 -15.99 7.61
CA THR A 499 -1.01 -15.10 8.69
C THR A 499 -1.35 -13.71 8.16
N THR A 500 -1.01 -13.36 6.92
CA THR A 500 -1.41 -12.10 6.31
C THR A 500 -1.59 -12.30 4.83
N GLY A 501 -2.17 -11.30 4.20
CA GLY A 501 -2.41 -11.22 2.77
C GLY A 501 -3.87 -11.18 2.43
N ALA A 502 -4.19 -10.85 1.20
CA ALA A 502 -5.58 -10.80 0.74
C ALA A 502 -6.23 -12.14 1.08
N HIS A 503 -7.40 -12.03 1.76
CA HIS A 503 -8.26 -13.13 2.21
C HIS A 503 -7.66 -13.90 3.37
N VAL A 504 -6.68 -13.38 4.07
CA VAL A 504 -6.08 -14.01 5.27
C VAL A 504 -6.22 -13.00 6.38
N ASP A 505 -7.32 -13.14 7.19
CA ASP A 505 -7.58 -12.22 8.28
C ASP A 505 -7.32 -12.89 9.63
N VAL A 506 -7.00 -12.12 10.66
CA VAL A 506 -6.60 -12.72 11.96
C VAL A 506 -7.43 -12.13 13.10
N ASN A 507 -7.62 -12.97 14.13
CA ASN A 507 -8.32 -12.52 15.37
C ASN A 507 -7.37 -12.41 16.54
N SER A 508 -6.06 -12.35 16.25
CA SER A 508 -4.99 -12.19 17.22
C SER A 508 -3.77 -11.63 16.50
N LEU A 509 -3.03 -10.78 17.18
CA LEU A 509 -1.82 -10.19 16.62
C LEU A 509 -0.58 -10.72 17.33
N SER A 510 -0.74 -11.69 18.23
CA SER A 510 0.39 -12.26 18.96
C SER A 510 1.19 -13.15 17.98
N LEU A 511 2.46 -13.39 18.30
CA LEU A 511 3.26 -14.31 17.47
C LEU A 511 2.57 -15.69 17.48
N VAL A 512 2.45 -16.29 16.32
CA VAL A 512 1.87 -17.64 16.13
C VAL A 512 2.88 -18.76 16.42
N GLY A 513 2.35 -19.86 16.95
CA GLY A 513 3.17 -21.08 17.09
C GLY A 513 4.23 -20.98 18.15
N ALA A 514 5.41 -21.56 17.86
CA ALA A 514 6.51 -21.66 18.85
C ALA A 514 7.39 -20.41 18.86
N GLN A 515 7.01 -19.35 18.12
CA GLN A 515 7.91 -18.20 17.97
C GLN A 515 8.19 -17.43 19.25
N ALA A 516 7.14 -17.11 20.03
CA ALA A 516 7.38 -16.38 21.27
C ALA A 516 8.16 -17.28 22.28
N PRO A 517 7.77 -18.56 22.47
CA PRO A 517 8.55 -19.43 23.35
C PRO A 517 10.00 -19.59 22.89
N LEU A 518 10.22 -19.51 21.60
CA LEU A 518 11.63 -19.60 21.07
C LEU A 518 12.40 -18.39 21.59
N ILE A 519 11.86 -17.18 21.39
CA ILE A 519 12.52 -15.98 21.93
C ILE A 519 12.82 -16.18 23.41
N LYS A 520 11.83 -16.58 24.21
CA LYS A 520 12.03 -16.69 25.68
C LYS A 520 13.20 -17.66 25.95
N ALA A 521 13.29 -18.76 25.24
CA ALA A 521 14.38 -19.75 25.43
C ALA A 521 15.73 -19.13 25.17
N ILE A 522 15.84 -18.31 24.12
CA ILE A 522 17.13 -17.65 23.82
C ILE A 522 17.41 -16.59 24.87
N ILE A 523 16.46 -15.72 25.26
CA ILE A 523 16.74 -14.68 26.28
C ILE A 523 17.28 -15.40 27.54
N ASP A 524 16.68 -16.53 27.86
CA ASP A 524 16.97 -17.24 29.13
C ASP A 524 18.41 -17.78 29.18
N THR A 525 19.12 -17.81 28.07
CA THR A 525 20.55 -18.15 28.05
C THR A 525 21.40 -17.04 28.65
N GLY A 526 20.89 -15.84 28.78
CA GLY A 526 21.63 -14.65 29.22
C GLY A 526 22.48 -14.04 28.12
N VAL A 527 22.45 -14.58 26.94
CA VAL A 527 23.11 -13.97 25.77
C VAL A 527 22.28 -12.76 25.30
N PRO A 528 22.89 -11.58 25.08
CA PRO A 528 22.12 -10.45 24.57
C PRO A 528 21.39 -10.86 23.29
N THR A 529 20.08 -10.58 23.26
CA THR A 529 19.20 -11.09 22.22
C THR A 529 18.56 -9.91 21.49
N VAL A 530 18.79 -9.84 20.19
CA VAL A 530 18.21 -8.80 19.30
C VAL A 530 17.10 -9.48 18.53
N VAL A 531 15.84 -9.03 18.69
CA VAL A 531 14.72 -9.60 17.95
C VAL A 531 14.38 -8.71 16.77
N VAL A 532 14.24 -9.36 15.63
CA VAL A 532 13.80 -8.73 14.36
C VAL A 532 12.41 -9.29 14.08
N LEU A 533 11.45 -8.38 13.99
CA LEU A 533 10.08 -8.72 13.55
C LEU A 533 10.02 -8.56 12.04
N SER A 534 9.72 -9.62 11.34
CA SER A 534 9.64 -9.75 9.87
C SER A 534 8.17 -10.03 9.57
N SER A 535 7.41 -9.01 9.15
CA SER A 535 5.95 -9.10 9.25
C SER A 535 5.25 -8.16 8.29
N GLY A 536 3.93 -8.30 8.23
CA GLY A 536 3.09 -7.49 7.34
C GLY A 536 2.15 -6.56 8.08
N LYS A 537 2.24 -6.49 9.39
CA LYS A 537 1.32 -5.71 10.24
C LYS A 537 1.86 -5.73 11.65
N PRO A 538 1.27 -4.95 12.59
CA PRO A 538 1.74 -5.00 13.97
C PRO A 538 1.60 -6.40 14.56
N ILE A 539 2.53 -6.70 15.47
CA ILE A 539 2.55 -7.92 16.31
C ILE A 539 2.45 -7.40 17.74
N THR A 540 1.66 -8.11 18.55
CA THR A 540 1.46 -7.69 19.94
C THR A 540 2.25 -8.58 20.91
N GLU A 541 3.45 -8.13 21.27
CA GLU A 541 4.30 -8.85 22.26
C GLU A 541 5.01 -7.86 23.16
N PRO A 542 4.27 -7.11 24.00
CA PRO A 542 4.88 -5.96 24.69
C PRO A 542 6.05 -6.32 25.64
N TRP A 543 6.09 -7.54 26.13
CA TRP A 543 7.22 -8.01 26.96
C TRP A 543 8.52 -7.97 26.18
N LEU A 544 8.49 -7.87 24.87
CA LEU A 544 9.78 -7.78 24.13
C LEU A 544 10.52 -6.48 24.40
N SER A 545 9.83 -5.37 24.67
CA SER A 545 10.45 -4.03 24.71
C SER A 545 11.59 -4.01 25.74
N ASN A 546 11.34 -4.56 26.92
CA ASN A 546 12.32 -4.43 28.03
C ASN A 546 12.98 -5.75 28.41
N ASN A 547 12.70 -6.84 27.72
CA ASN A 547 13.28 -8.16 28.03
C ASN A 547 14.24 -8.60 26.94
N THR A 548 14.41 -7.83 25.86
CA THR A 548 15.43 -8.10 24.83
C THR A 548 16.48 -6.99 24.89
N ALA A 549 17.62 -7.22 24.23
CA ALA A 549 18.67 -6.20 24.12
C ALA A 549 18.29 -5.13 23.09
N ALA A 550 17.64 -5.54 22.01
CA ALA A 550 17.19 -4.59 20.96
C ALA A 550 16.04 -5.23 20.23
N LEU A 551 15.24 -4.37 19.57
CA LEU A 551 14.03 -4.81 18.87
C LEU A 551 13.93 -3.99 17.58
N VAL A 552 13.85 -4.67 16.46
CA VAL A 552 13.88 -4.06 15.11
C VAL A 552 12.66 -4.56 14.36
N GLN A 553 12.00 -3.66 13.65
CA GLN A 553 10.87 -3.96 12.77
C GLN A 553 11.34 -3.84 11.32
N GLN A 554 11.18 -4.91 10.56
CA GLN A 554 11.36 -4.88 9.08
C GLN A 554 10.08 -5.45 8.49
N PHE A 555 9.17 -4.58 8.05
CA PHE A 555 8.03 -5.10 7.30
C PHE A 555 8.52 -5.82 6.05
N TYR A 556 7.67 -6.66 5.47
CA TYR A 556 8.05 -7.68 4.52
C TYR A 556 9.08 -7.10 3.57
N PRO A 557 10.22 -7.83 3.43
CA PRO A 557 11.39 -7.30 2.71
C PRO A 557 11.26 -7.25 1.20
N SER A 558 12.20 -6.50 0.65
CA SER A 558 12.58 -6.59 -0.77
C SER A 558 13.39 -7.87 -1.01
N GLU A 559 13.73 -8.07 -2.30
CA GLU A 559 14.68 -9.15 -2.65
C GLU A 559 16.06 -8.88 -2.07
N GLN A 560 16.37 -7.68 -1.61
CA GLN A 560 17.61 -7.31 -0.94
C GLN A 560 17.46 -7.28 0.57
N GLY A 561 16.38 -7.85 1.09
CA GLY A 561 16.03 -7.69 2.51
C GLY A 561 17.11 -7.96 3.51
N GLY A 562 17.87 -9.05 3.31
CA GLY A 562 18.90 -9.36 4.30
C GLY A 562 20.09 -8.47 4.24
N ASN A 563 20.36 -7.92 3.05
CA ASN A 563 21.44 -6.95 2.92
C ASN A 563 21.06 -5.62 3.58
N ALA A 564 19.79 -5.20 3.36
CA ALA A 564 19.29 -3.97 4.04
C ALA A 564 19.32 -4.15 5.57
N LEU A 565 18.88 -5.32 6.06
CA LEU A 565 18.87 -5.59 7.49
C LEU A 565 20.28 -5.59 8.07
N ALA A 566 21.24 -6.26 7.38
CA ALA A 566 22.64 -6.29 7.85
C ALA A 566 23.22 -4.87 7.85
N ASP A 567 22.88 -4.04 6.84
CA ASP A 567 23.35 -2.64 6.78
C ASP A 567 23.02 -1.93 8.07
N VAL A 568 21.77 -2.10 8.53
CA VAL A 568 21.35 -1.49 9.82
C VAL A 568 22.02 -2.20 11.00
N LEU A 569 21.98 -3.52 11.07
CA LEU A 569 22.44 -4.22 12.29
C LEU A 569 23.91 -3.90 12.57
N PHE A 570 24.74 -3.78 11.52
CA PHE A 570 26.21 -3.53 11.70
C PHE A 570 26.59 -2.05 11.66
N GLY A 571 25.61 -1.16 11.51
CA GLY A 571 25.87 0.26 11.66
C GLY A 571 26.29 0.97 10.39
N ASP A 572 26.35 0.28 9.27
CA ASP A 572 26.67 0.95 7.98
C ASP A 572 25.58 1.95 7.59
N TYR A 573 24.34 1.72 8.08
CA TYR A 573 23.26 2.67 7.95
C TYR A 573 22.59 2.86 9.30
N ASN A 574 22.40 4.11 9.70
CA ASN A 574 21.76 4.43 10.98
C ASN A 574 20.26 4.36 10.74
N PRO A 575 19.51 3.46 11.41
CA PRO A 575 18.09 3.27 11.06
C PRO A 575 17.32 4.57 11.18
N SER A 576 16.44 4.76 10.20
CA SER A 576 15.74 6.04 9.97
C SER A 576 14.23 5.88 9.77
N GLY A 577 13.74 4.66 9.81
CA GLY A 577 12.31 4.43 9.55
C GLY A 577 11.48 4.92 10.73
N LYS A 578 10.23 5.24 10.45
CA LYS A 578 9.24 5.60 11.50
C LYS A 578 7.96 4.83 11.18
N LEU A 579 7.22 4.41 12.24
CA LEU A 579 6.08 3.53 11.96
C LEU A 579 5.00 4.26 11.15
N SER A 580 4.50 3.59 10.13
CA SER A 580 3.37 4.04 9.29
C SER A 580 2.00 3.64 9.93
N VAL A 581 2.07 2.83 10.95
CA VAL A 581 0.87 2.23 11.59
C VAL A 581 1.17 2.11 13.08
N SER A 582 0.19 2.39 13.94
CA SER A 582 0.35 2.26 15.40
C SER A 582 0.26 0.77 15.82
N PHE A 583 1.01 0.42 16.82
CA PHE A 583 1.04 -0.94 17.37
C PHE A 583 0.25 -0.95 18.68
N PRO A 584 -0.82 -1.75 18.79
CA PRO A 584 -1.51 -1.91 20.05
C PRO A 584 -0.79 -2.89 20.98
N HIS A 585 -1.21 -2.91 22.26
CA HIS A 585 -0.78 -3.95 23.21
C HIS A 585 -1.43 -5.30 22.91
N SER A 586 -2.68 -5.30 22.43
CA SER A 586 -3.46 -6.52 22.24
C SER A 586 -4.52 -6.30 21.17
N VAL A 587 -4.93 -7.37 20.49
CA VAL A 587 -6.08 -7.34 19.57
C VAL A 587 -7.37 -6.86 20.30
N GLY A 588 -7.43 -7.04 21.61
CA GLY A 588 -8.61 -6.57 22.37
C GLY A 588 -8.67 -5.06 22.53
N ASP A 589 -7.68 -4.32 22.06
CA ASP A 589 -7.54 -2.86 22.25
C ASP A 589 -7.90 -2.09 20.98
N LEU A 590 -8.35 -2.75 19.92
CA LEU A 590 -8.46 -2.08 18.61
C LEU A 590 -9.74 -1.24 18.58
N PRO A 591 -9.83 -0.25 17.70
CA PRO A 591 -8.73 0.26 16.83
C PRO A 591 -7.75 1.13 17.61
N ILE A 592 -6.60 1.44 16.94
CA ILE A 592 -5.45 2.04 17.63
C ILE A 592 -4.88 3.20 16.82
N TYR A 593 -5.53 3.67 15.78
CA TYR A 593 -5.00 4.79 14.99
C TYR A 593 -4.77 6.02 15.83
N TYR A 594 -3.76 6.83 15.43
CA TYR A 594 -3.27 7.96 16.25
C TYR A 594 -4.18 9.18 16.15
N ASP A 595 -4.98 9.22 15.08
CA ASP A 595 -5.81 10.39 14.68
C ASP A 595 -7.26 10.25 15.22
N TYR A 596 -7.41 9.53 16.31
CA TYR A 596 -8.75 9.38 16.90
C TYR A 596 -9.37 10.74 17.09
N LEU A 597 -10.71 10.76 17.01
CA LEU A 597 -11.48 11.99 17.35
C LEU A 597 -11.24 12.40 18.82
N ASN A 598 -11.24 13.71 19.02
CA ASN A 598 -11.32 14.21 20.39
C ASN A 598 -12.51 13.53 21.12
N SER A 599 -12.23 13.08 22.32
CA SER A 599 -13.08 12.32 23.26
C SER A 599 -12.77 10.83 23.29
N ALA A 600 -11.99 10.33 22.30
CA ALA A 600 -11.57 8.92 22.30
C ALA A 600 -10.25 8.72 23.10
N ARG A 601 -10.00 7.49 23.49
CA ARG A 601 -8.64 6.94 23.85
C ARG A 601 -8.16 7.39 25.23
N GLU A 602 -8.16 8.69 25.50
CA GLU A 602 -7.56 9.29 26.72
C GLU A 602 -8.68 9.49 27.75
N ILE A 603 -9.10 8.42 28.37
CA ILE A 603 -10.25 8.35 29.28
C ILE A 603 -9.69 7.51 30.45
N GLY A 604 -9.84 7.93 31.61
CA GLY A 604 -9.61 7.00 32.73
C GLY A 604 -8.22 6.44 32.90
N ASP A 605 -8.12 5.45 33.73
CA ASP A 605 -6.87 4.76 34.15
C ASP A 605 -6.85 3.32 33.65
N ALA A 606 -5.67 2.83 33.25
CA ALA A 606 -5.46 1.51 32.70
C ALA A 606 -5.02 0.52 33.79
N GLY A 607 -5.50 -0.68 33.69
CA GLY A 607 -5.05 -1.79 34.51
C GLY A 607 -3.91 -2.53 33.83
N TYR A 608 -3.51 -3.59 34.50
CA TYR A 608 -2.32 -4.34 34.11
C TYR A 608 -2.36 -5.74 34.67
N ILE A 609 -1.75 -6.66 33.97
CA ILE A 609 -1.55 -8.04 34.44
C ILE A 609 -0.03 -8.24 34.44
N TYR A 610 0.53 -8.45 35.63
CA TYR A 610 1.96 -8.73 35.77
C TYR A 610 2.28 -10.13 35.23
N SER A 611 3.54 -10.35 34.85
CA SER A 611 3.93 -11.66 34.26
C SER A 611 3.80 -12.74 35.35
N ASN A 612 3.81 -12.40 36.62
CA ASN A 612 3.63 -13.39 37.71
C ASN A 612 2.16 -13.67 38.03
N GLY A 613 1.26 -13.06 37.28
CA GLY A 613 -0.20 -13.28 37.43
C GLY A 613 -0.90 -12.34 38.40
N THR A 614 -0.18 -11.46 39.08
CA THR A 614 -0.84 -10.42 39.90
C THR A 614 -1.70 -9.52 39.00
N LEU A 615 -2.90 -9.19 39.49
CA LEU A 615 -3.84 -8.33 38.75
C LEU A 615 -3.85 -6.94 39.39
N GLU A 616 -3.78 -5.91 38.55
CA GLU A 616 -3.83 -4.50 38.93
C GLU A 616 -5.03 -3.88 38.16
N PHE A 617 -6.13 -3.68 38.88
CA PHE A 617 -7.39 -3.29 38.24
C PHE A 617 -7.43 -1.82 37.97
N GLY A 618 -7.83 -1.49 36.74
CA GLY A 618 -8.15 -0.12 36.34
C GLY A 618 -9.57 -0.02 35.80
N HIS A 619 -9.76 0.86 34.86
CA HIS A 619 -11.12 1.16 34.34
C HIS A 619 -11.14 1.14 32.82
N GLN A 620 -10.18 1.79 32.17
CA GLN A 620 -10.02 1.79 30.69
C GLN A 620 -8.62 1.27 30.42
N TYR A 621 -8.44 -0.05 30.40
CA TYR A 621 -9.35 -1.15 30.66
C TYR A 621 -9.16 -1.71 32.07
N ALA A 622 -10.09 -2.54 32.54
CA ALA A 622 -9.96 -3.21 33.86
C ALA A 622 -8.56 -3.82 33.97
N LEU A 623 -8.13 -4.56 32.95
CA LEU A 623 -6.86 -5.31 33.02
C LEU A 623 -6.04 -5.14 31.75
N GLY A 624 -6.09 -3.94 31.19
CA GLY A 624 -5.32 -3.65 29.96
C GLY A 624 -5.30 -2.18 29.66
N ASN A 625 -4.69 -1.84 28.50
CA ASN A 625 -4.30 -0.45 28.19
C ASN A 625 -4.69 -0.11 26.76
N PRO A 626 -5.55 0.90 26.54
CA PRO A 626 -5.96 1.28 25.19
C PRO A 626 -4.98 2.18 24.47
N LYS A 627 -3.94 2.63 25.17
CA LYS A 627 -2.90 3.48 24.52
C LYS A 627 -2.02 2.61 23.63
N ALA A 628 -1.48 3.20 22.57
CA ALA A 628 -0.59 2.42 21.71
C ALA A 628 0.66 1.96 22.47
N TRP A 629 1.09 0.76 22.18
CA TRP A 629 2.42 0.24 22.57
C TRP A 629 3.50 1.08 21.89
N TYR A 630 3.39 1.24 20.59
CA TYR A 630 4.23 2.20 19.81
C TYR A 630 3.31 2.98 18.90
N PRO A 631 3.38 4.31 18.94
CA PRO A 631 2.50 5.16 18.14
C PRO A 631 2.98 5.38 16.72
N PHE A 632 2.07 5.75 15.86
CA PHE A 632 2.36 6.28 14.50
C PHE A 632 3.50 7.25 14.62
N GLY A 633 4.44 7.09 13.67
CA GLY A 633 5.58 8.02 13.56
C GLY A 633 6.75 7.67 14.46
N TYR A 634 6.67 6.63 15.27
CA TYR A 634 7.74 6.24 16.19
C TYR A 634 8.89 5.57 15.43
N GLY A 635 10.10 5.93 15.85
CA GLY A 635 11.31 5.17 15.45
C GLY A 635 12.54 5.80 16.05
N LYS A 636 13.43 4.94 16.54
CA LYS A 636 14.65 5.42 17.18
C LYS A 636 15.80 5.45 16.15
N SER A 637 16.92 5.90 16.64
CA SER A 637 18.18 6.05 15.89
C SER A 637 19.32 5.57 16.77
N TYR A 638 20.47 5.29 16.18
CA TYR A 638 21.73 5.18 16.95
C TYR A 638 22.17 6.55 17.46
N SER A 639 21.71 7.63 16.85
CA SER A 639 21.99 9.01 17.25
C SER A 639 20.83 9.55 18.07
N SER A 640 20.95 10.73 18.59
CA SER A 640 19.95 11.44 19.40
C SER A 640 19.76 12.78 18.71
N PHE A 641 18.56 13.38 18.78
CA PHE A 641 18.28 14.65 18.10
C PHE A 641 17.70 15.61 19.14
N GLU A 642 18.19 16.82 19.10
CA GLU A 642 17.72 17.91 20.01
C GLU A 642 17.07 18.98 19.14
N TYR A 643 15.80 19.30 19.44
CA TYR A 643 15.07 20.32 18.64
C TYR A 643 15.10 21.67 19.37
N GLY A 644 15.31 22.69 18.59
CA GLY A 644 15.21 24.08 19.02
C GLY A 644 13.77 24.54 19.07
N ALA A 645 13.61 25.85 19.23
CA ALA A 645 12.26 26.47 19.26
C ALA A 645 11.59 26.37 17.90
N VAL A 646 10.30 26.08 17.89
CA VAL A 646 9.54 26.05 16.62
C VAL A 646 9.24 27.49 16.24
N LYS A 647 9.47 27.87 14.99
CA LYS A 647 9.22 29.21 14.46
C LYS A 647 8.25 29.10 13.27
N LEU A 648 7.30 30.00 13.19
CA LEU A 648 6.40 30.15 12.01
C LEU A 648 6.77 31.43 11.29
N ASP A 649 6.66 31.45 9.98
CA ASP A 649 7.00 32.67 9.20
C ASP A 649 5.84 33.69 9.25
N LYS A 650 4.65 33.24 9.58
CA LYS A 650 3.38 34.01 9.56
C LYS A 650 2.51 33.46 10.69
N THR A 651 1.88 34.32 11.49
CA THR A 651 1.02 33.97 12.66
C THR A 651 -0.47 34.28 12.38
N ASN A 652 -0.79 35.13 11.40
CA ASN A 652 -2.12 35.73 11.12
C ASN A 652 -2.33 35.49 9.62
N VAL A 653 -3.13 34.51 9.22
CA VAL A 653 -3.23 34.04 7.82
C VAL A 653 -4.68 33.93 7.39
N THR A 654 -4.87 33.81 6.09
CA THR A 654 -6.11 33.43 5.36
C THR A 654 -6.01 31.97 4.92
N GLU A 655 -7.14 31.41 4.47
CA GLU A 655 -7.28 30.11 3.75
C GLU A 655 -6.31 30.04 2.57
N ALA A 656 -5.93 31.18 2.00
CA ALA A 656 -5.11 31.27 0.78
C ALA A 656 -3.61 31.05 1.08
N ASP A 657 -3.22 31.17 2.32
CA ASP A 657 -1.80 31.28 2.73
C ASP A 657 -1.13 29.89 2.92
N THR A 658 0.19 29.92 2.91
CA THR A 658 1.07 28.81 3.32
C THR A 658 1.84 29.27 4.55
N VAL A 659 1.81 28.48 5.62
CA VAL A 659 2.59 28.72 6.86
C VAL A 659 3.82 27.83 6.77
N THR A 660 5.00 28.42 6.84
CA THR A 660 6.26 27.63 6.87
C THR A 660 6.75 27.48 8.29
N VAL A 661 6.79 26.21 8.74
CA VAL A 661 7.30 25.82 10.06
C VAL A 661 8.83 25.63 9.96
N SER A 662 9.60 26.22 10.87
CA SER A 662 11.08 26.13 10.90
C SER A 662 11.45 25.59 12.26
N VAL A 663 12.39 24.62 12.32
CA VAL A 663 12.95 24.18 13.60
C VAL A 663 14.39 23.74 13.34
N ASP A 664 15.26 24.10 14.25
CA ASP A 664 16.66 23.64 14.21
C ASP A 664 16.73 22.30 14.89
N VAL A 665 17.37 21.34 14.21
CA VAL A 665 17.56 20.00 14.79
C VAL A 665 19.08 19.71 14.84
N LYS A 666 19.57 19.35 16.01
CA LYS A 666 21.00 19.02 16.23
C LYS A 666 21.11 17.52 16.47
N ASN A 667 22.08 16.92 15.80
CA ASN A 667 22.49 15.53 16.13
C ASN A 667 23.48 15.62 17.28
N THR A 668 23.12 15.14 18.45
CA THR A 668 23.95 15.26 19.69
C THR A 668 24.80 14.01 19.89
N ASP A 669 24.82 13.09 18.93
CA ASP A 669 25.69 11.91 19.07
C ASP A 669 27.18 12.34 19.05
N ALA A 670 27.98 11.58 19.73
CA ALA A 670 29.45 11.85 19.79
C ALA A 670 30.14 11.61 18.43
N THR A 671 29.67 10.65 17.64
CA THR A 671 30.38 10.25 16.41
C THR A 671 29.54 9.95 15.18
N ARG A 672 28.25 9.56 15.32
CA ARG A 672 27.55 8.96 14.16
C ARG A 672 26.54 9.94 13.56
N GLU A 673 26.64 10.14 12.27
CA GLU A 673 25.55 10.76 11.44
C GLU A 673 24.27 9.97 11.65
N GLY A 674 23.16 10.68 11.63
CA GLY A 674 21.87 10.00 11.66
C GLY A 674 20.85 10.80 10.89
N THR A 675 19.74 10.13 10.62
CA THR A 675 18.64 10.69 9.85
C THR A 675 17.40 10.77 10.75
N GLU A 676 16.77 11.93 10.77
CA GLU A 676 15.54 12.18 11.55
C GLU A 676 14.42 12.47 10.59
N VAL A 677 13.22 11.97 10.94
CA VAL A 677 11.99 12.40 10.26
C VAL A 677 11.27 13.38 11.18
N VAL A 678 11.40 14.65 10.88
CA VAL A 678 10.74 15.74 11.63
C VAL A 678 9.27 15.71 11.17
N GLN A 679 8.37 15.59 12.15
CA GLN A 679 6.92 15.46 11.85
C GLN A 679 6.16 16.68 12.39
N VAL A 680 5.24 17.16 11.60
CA VAL A 680 4.39 18.33 11.98
C VAL A 680 2.92 17.89 12.07
N TYR A 681 2.38 17.98 13.25
CA TYR A 681 0.97 17.67 13.57
C TYR A 681 0.24 18.96 13.80
N VAL A 682 -0.92 19.09 13.21
CA VAL A 682 -1.80 20.26 13.37
C VAL A 682 -3.00 19.91 14.27
N VAL A 683 -3.27 20.82 15.20
CA VAL A 683 -4.41 20.71 16.14
C VAL A 683 -5.32 21.88 15.83
N ASP A 684 -6.57 21.61 15.49
CA ASP A 684 -7.59 22.65 15.35
C ASP A 684 -8.23 22.85 16.75
N GLU A 685 -7.82 23.88 17.49
CA GLU A 685 -7.97 23.90 18.95
C GLU A 685 -9.46 23.94 19.35
N VAL A 686 -10.25 24.68 18.57
CA VAL A 686 -11.71 24.78 18.83
C VAL A 686 -12.41 24.59 17.46
N ALA A 687 -13.37 23.67 17.40
CA ALA A 687 -14.02 23.37 16.12
C ALA A 687 -15.53 23.36 16.29
N SER A 688 -16.26 23.45 15.21
CA SER A 688 -17.74 23.39 15.30
C SER A 688 -18.29 21.98 15.26
N VAL A 689 -17.48 21.01 14.88
CA VAL A 689 -17.79 19.58 14.91
C VAL A 689 -16.59 18.87 15.51
N VAL A 690 -16.74 17.63 15.96
CA VAL A 690 -15.63 16.90 16.57
C VAL A 690 -14.66 16.53 15.43
N VAL A 691 -13.39 16.77 15.66
CA VAL A 691 -12.33 16.52 14.65
C VAL A 691 -11.29 15.58 15.25
N PRO A 692 -10.45 15.02 14.34
CA PRO A 692 -9.27 14.26 14.81
C PRO A 692 -8.43 15.09 15.80
N ASN A 693 -7.96 14.40 16.85
CA ASN A 693 -7.27 15.07 17.96
C ASN A 693 -6.03 15.80 17.44
N ARG A 694 -5.34 15.19 16.52
CA ARG A 694 -4.16 15.78 15.83
C ARG A 694 -4.05 15.11 14.47
N LEU A 695 -3.41 15.78 13.52
CA LEU A 695 -3.23 15.21 12.17
C LEU A 695 -1.84 15.52 11.65
N LEU A 696 -1.13 14.51 11.15
CA LEU A 696 0.09 14.79 10.39
C LEU A 696 -0.26 15.63 9.19
N LYS A 697 0.45 16.76 9.01
CA LYS A 697 0.22 17.65 7.87
C LYS A 697 1.51 18.05 7.14
N GLY A 698 2.63 17.56 7.64
CA GLY A 698 3.92 17.75 6.93
C GLY A 698 5.00 16.98 7.62
N PHE A 699 6.08 16.73 6.87
CA PHE A 699 7.25 16.08 7.46
C PHE A 699 8.45 16.34 6.53
N LYS A 700 9.63 16.14 7.09
CA LYS A 700 10.87 16.20 6.30
C LYS A 700 11.87 15.24 6.90
N LYS A 701 12.41 14.38 6.03
CA LYS A 701 13.47 13.43 6.46
C LYS A 701 14.84 14.07 6.15
N VAL A 702 15.64 14.24 7.20
CA VAL A 702 16.87 15.06 7.08
C VAL A 702 18.07 14.29 7.62
N VAL A 703 19.14 14.28 6.84
CA VAL A 703 20.41 13.61 7.26
C VAL A 703 21.25 14.67 7.99
N ILE A 704 21.71 14.36 9.18
CA ILE A 704 22.40 15.33 10.04
C ILE A 704 23.71 14.68 10.52
N PRO A 705 24.88 15.18 10.05
CA PRO A 705 26.15 14.70 10.60
C PRO A 705 26.25 14.89 12.13
N ALA A 706 27.08 14.08 12.78
CA ALA A 706 27.28 14.18 14.24
C ALA A 706 27.70 15.61 14.63
N GLY A 707 27.02 16.18 15.60
CA GLY A 707 27.33 17.50 16.15
C GLY A 707 26.72 18.65 15.36
N GLN A 708 26.27 18.44 14.15
CA GLN A 708 25.74 19.46 13.22
C GLN A 708 24.28 19.81 13.65
N THR A 709 23.90 21.03 13.29
CA THR A 709 22.53 21.57 13.43
C THR A 709 22.01 21.91 12.03
N LYS A 710 20.80 21.45 11.68
CA LYS A 710 20.20 21.73 10.37
C LYS A 710 18.88 22.44 10.69
N THR A 711 18.60 23.44 9.89
CA THR A 711 17.32 24.16 9.96
C THR A 711 16.36 23.40 9.04
N VAL A 712 15.31 22.88 9.63
CA VAL A 712 14.31 22.14 8.84
C VAL A 712 13.08 23.04 8.63
N GLU A 713 12.63 23.16 7.38
CA GLU A 713 11.49 23.98 6.97
C GLU A 713 10.43 23.07 6.38
N ILE A 714 9.19 23.17 6.86
CA ILE A 714 8.04 22.36 6.36
C ILE A 714 6.88 23.29 6.10
N PRO A 715 6.37 23.30 4.88
CA PRO A 715 5.22 24.16 4.55
C PRO A 715 3.92 23.51 4.96
N LEU A 716 2.97 24.32 5.39
CA LEU A 716 1.57 23.93 5.64
C LEU A 716 0.66 24.79 4.78
N LYS A 717 -0.04 24.20 3.81
CA LYS A 717 -1.05 24.90 2.99
C LYS A 717 -2.29 25.03 3.88
N VAL A 718 -2.65 26.25 4.25
CA VAL A 718 -3.78 26.44 5.17
C VAL A 718 -5.07 25.86 4.59
N GLN A 719 -5.24 25.85 3.29
CA GLN A 719 -6.47 25.34 2.64
C GLN A 719 -6.68 23.88 3.03
N ASP A 720 -5.59 23.16 3.38
CA ASP A 720 -5.63 21.71 3.66
C ASP A 720 -6.00 21.39 5.10
N LEU A 721 -6.25 22.39 5.95
CA LEU A 721 -6.35 22.19 7.41
C LEU A 721 -7.80 22.26 7.89
N GLY A 722 -8.77 22.21 6.99
CA GLY A 722 -10.20 22.37 7.33
C GLY A 722 -10.90 21.11 7.79
N LEU A 723 -12.19 21.30 7.96
CA LEU A 723 -13.08 20.26 8.48
C LEU A 723 -14.36 20.24 7.64
N TRP A 724 -15.14 19.20 7.91
CA TRP A 724 -16.46 19.04 7.27
C TRP A 724 -17.51 19.41 8.34
N ASN A 725 -18.18 20.54 8.12
CA ASN A 725 -19.01 21.15 9.18
C ASN A 725 -20.39 20.46 9.24
N VAL A 726 -21.30 21.01 10.05
CA VAL A 726 -22.58 20.28 10.29
C VAL A 726 -23.43 20.24 9.03
N ARG A 727 -23.22 21.16 8.08
CA ARG A 727 -23.88 21.15 6.77
C ARG A 727 -23.10 20.33 5.73
N MET A 728 -22.09 19.59 6.17
CA MET A 728 -21.26 18.78 5.26
C MET A 728 -20.56 19.65 4.19
N LYS A 729 -20.12 20.82 4.62
CA LYS A 729 -19.31 21.72 3.76
C LYS A 729 -17.90 21.75 4.33
N TYR A 730 -16.92 21.78 3.42
CA TYR A 730 -15.53 21.91 3.81
C TYR A 730 -15.17 23.37 4.11
N VAL A 731 -14.73 23.60 5.31
CA VAL A 731 -14.38 24.96 5.76
C VAL A 731 -13.08 24.95 6.56
N VAL A 732 -12.29 25.99 6.37
CA VAL A 732 -11.20 26.31 7.29
C VAL A 732 -11.74 27.41 8.20
N GLU A 733 -12.15 27.04 9.43
CA GLU A 733 -12.84 27.99 10.32
C GLU A 733 -11.82 28.94 10.91
N PRO A 734 -12.16 30.23 11.00
CA PRO A 734 -11.31 31.16 11.73
C PRO A 734 -11.07 30.66 13.15
N GLY A 735 -9.86 30.90 13.64
CA GLY A 735 -9.42 30.49 14.97
C GLY A 735 -7.99 29.95 15.00
N ALA A 736 -7.63 29.45 16.16
CA ALA A 736 -6.27 28.95 16.47
C ALA A 736 -6.04 27.57 15.89
N PHE A 737 -4.85 27.39 15.33
CA PHE A 737 -4.28 26.08 14.93
C PHE A 737 -2.96 25.90 15.68
N GLY A 738 -2.86 24.87 16.49
CA GLY A 738 -1.62 24.43 17.10
C GLY A 738 -0.78 23.65 16.13
N VAL A 739 0.52 23.89 16.18
CA VAL A 739 1.52 23.20 15.36
C VAL A 739 2.42 22.46 16.34
N LEU A 740 2.39 21.14 16.35
CA LEU A 740 3.16 20.27 17.25
C LEU A 740 4.25 19.62 16.41
N VAL A 741 5.50 19.81 16.80
CA VAL A 741 6.64 19.33 15.98
C VAL A 741 7.37 18.28 16.80
N GLY A 742 7.65 17.15 16.21
CA GLY A 742 8.46 16.18 16.94
C GLY A 742 8.82 14.92 16.16
N SER A 743 9.23 13.95 16.95
CA SER A 743 9.92 12.74 16.49
C SER A 743 8.99 11.53 16.32
N SER A 744 7.72 11.69 16.77
CA SER A 744 6.62 10.74 16.57
C SER A 744 5.33 11.50 16.80
N SER A 745 4.19 10.85 16.66
CA SER A 745 2.89 11.50 16.93
C SER A 745 2.75 11.81 18.43
N GLU A 746 3.51 11.13 19.30
CA GLU A 746 3.47 11.38 20.77
C GLU A 746 4.69 12.16 21.25
N ASP A 747 5.84 12.01 20.61
CA ASP A 747 7.11 12.58 21.10
C ASP A 747 7.29 13.99 20.53
N ILE A 748 6.51 14.93 21.09
CA ILE A 748 6.45 16.31 20.61
C ILE A 748 7.54 17.11 21.32
N ARG A 749 8.33 17.80 20.53
CA ARG A 749 9.54 18.48 21.03
C ARG A 749 9.39 19.98 21.04
N GLY A 750 8.35 20.51 20.42
CA GLY A 750 8.10 21.95 20.40
C GLY A 750 6.76 22.26 19.80
N ASN A 751 6.29 23.47 19.95
CA ASN A 751 4.99 23.87 19.43
C ASN A 751 4.92 25.36 19.17
N ALA A 752 4.01 25.73 18.32
CA ALA A 752 3.71 27.12 17.97
C ALA A 752 2.23 27.19 17.59
N THR A 753 1.69 28.37 17.51
CA THR A 753 0.27 28.63 17.19
C THR A 753 0.16 29.66 16.08
N PHE A 754 -0.74 29.47 15.13
CA PHE A 754 -1.13 30.53 14.18
C PHE A 754 -2.65 30.65 14.19
N TYR A 755 -3.13 31.74 13.60
CA TYR A 755 -4.57 32.10 13.69
C TYR A 755 -5.05 32.34 12.28
N VAL A 756 -6.14 31.67 11.89
CA VAL A 756 -6.82 31.94 10.61
C VAL A 756 -7.89 33.05 10.84
N GLN A 757 -7.85 34.06 9.96
CA GLN A 757 -8.85 35.17 9.83
C GLN A 757 -9.77 34.92 8.64
C2 BGC B . -6.90 -22.91 -7.74
C3 BGC B . -7.29 -21.53 -7.23
C4 BGC B . -8.79 -21.19 -7.25
C5 BGC B . -9.60 -22.37 -6.70
C6 BGC B . -11.11 -22.10 -6.67
C1 BGC B . -7.92 -23.99 -7.40
O1 BGC B . -7.74 -25.04 -8.36
O2 BGC B . -5.61 -23.22 -7.20
O3 BGC B . -6.55 -20.67 -8.07
O4 BGC B . -9.19 -19.97 -6.84
O5 BGC B . -9.28 -23.50 -7.50
O6 BGC B . -11.67 -22.12 -8.00
C2 BGC B . -10.03 -17.66 -6.93
C3 BGC B . -9.71 -16.23 -7.39
C4 BGC B . -8.18 -16.00 -7.53
C5 BGC B . -7.60 -17.02 -8.49
C6 BGC B . -6.10 -16.80 -8.69
C1 BGC B . -9.25 -18.76 -7.66
O2 BGC B . -11.42 -17.89 -6.83
O3 BGC B . -10.26 -15.29 -6.47
O4 BGC B . -7.84 -14.80 -7.99
O5 BGC B . -7.88 -18.35 -7.94
O6 BGC B . -5.59 -17.92 -9.46
C2 BGC B . -6.82 -12.68 -7.73
C3 BGC B . -6.82 -11.41 -6.81
C4 BGC B . -8.25 -10.79 -6.58
C5 BGC B . -9.02 -12.03 -6.12
C6 BGC B . -10.49 -11.72 -5.90
C1 BGC B . -7.73 -13.74 -7.11
O2 BGC B . -5.48 -13.09 -8.01
O3 BGC B . -5.81 -10.51 -7.25
O4 BGC B . -8.75 -9.72 -5.72
O5 BGC B . -9.05 -13.16 -7.02
O6 BGC B . -11.05 -12.98 -5.56
C2 BGC B . -8.27 -7.39 -5.52
C3 BGC B . -7.71 -6.24 -6.38
C4 BGC B . -6.91 -6.81 -7.48
C5 BGC B . -7.81 -7.65 -8.31
C6 BGC B . -7.12 -8.29 -9.49
C1 BGC B . -8.92 -8.46 -6.38
O2 BGC B . -9.15 -6.90 -4.55
O3 BGC B . -6.85 -5.41 -5.54
O4 BGC B . -6.24 -5.76 -8.26
O5 BGC B . -8.25 -8.76 -7.63
O6 BGC B . -8.02 -8.87 -10.49
C1 XYS B . -7.31 -9.65 -11.43
C2 XYS B . -8.11 -9.56 -12.76
C3 XYS B . -9.48 -10.28 -12.77
C4 XYS B . -9.27 -11.69 -12.21
C5 XYS B . -8.52 -11.63 -10.89
O2 XYS B . -8.24 -8.16 -13.14
O3 XYS B . -10.01 -10.31 -14.10
O4 XYS B . -10.55 -12.34 -12.08
O5 XYS B . -7.22 -11.00 -11.04
C1 XYS B . -11.06 -12.95 -4.10
C2 XYS B . -11.95 -14.08 -3.51
C3 XYS B . -13.46 -13.83 -3.70
C4 XYS B . -13.81 -12.58 -2.90
C5 XYS B . -12.87 -11.51 -3.35
O2 XYS B . -11.57 -15.34 -4.08
O3 XYS B . -14.22 -14.99 -3.32
O4 XYS B . -15.13 -12.09 -3.20
O5 XYS B . -11.45 -11.73 -3.41
C1 XYS B . -4.20 -18.25 -9.55
C2 XYS B . -3.83 -18.03 -11.04
C3 XYS B . -3.52 -19.31 -11.87
C4 XYS B . -3.06 -20.47 -10.98
C5 XYS B . -4.05 -20.68 -9.86
O2 XYS B . -4.87 -17.20 -11.62
O3 XYS B . -2.57 -19.06 -12.94
O4 XYS B . -2.97 -21.73 -11.65
O5 XYS B . -3.94 -19.56 -8.98
C2 BGC C . 21.88 5.89 21.71
C3 BGC C . 21.36 4.81 20.81
C4 BGC C . 19.89 4.50 21.06
C5 BGC C . 19.09 5.83 21.32
C6 BGC C . 17.66 5.70 21.81
C1 BGC C . 21.03 7.14 21.63
O1 BGC C . 21.76 8.01 22.47
O2 BGC C . 23.22 6.13 21.31
O3 BGC C . 22.08 3.63 21.05
O4 BGC C . 19.53 3.66 19.92
O5 BGC C . 19.72 6.80 22.22
O6 BGC C . 17.63 4.79 22.94
C1 XYS C . 16.41 5.07 23.72
C2 XYS C . 16.62 4.47 25.13
C3 XYS C . 16.72 2.96 24.99
C4 XYS C . 15.50 2.44 24.19
C5 XYS C . 15.33 3.14 22.83
O2 XYS C . 17.86 4.98 25.65
O3 XYS C . 16.87 2.24 26.22
O4 XYS C . 15.52 1.10 23.93
O5 XYS C . 15.29 4.55 22.97
C1 NAG D . 1.98 -24.82 6.12
C2 NAG D . 1.73 -26.29 6.65
C3 NAG D . 3.05 -27.12 6.47
C4 NAG D . 3.52 -27.06 5.05
C5 NAG D . 3.69 -25.63 4.64
C6 NAG D . 4.08 -25.49 3.16
C7 NAG D . 0.16 -26.33 8.49
C8 NAG D . 0.06 -26.39 10.00
N2 NAG D . 1.44 -26.28 8.06
O3 NAG D . 2.75 -28.48 6.81
O4 NAG D . 4.83 -27.69 4.95
O5 NAG D . 2.44 -24.93 4.78
O6 NAG D . 4.60 -24.14 3.01
O7 NAG D . -0.80 -26.31 7.71
C1 NAG D . 4.95 -29.04 4.54
C2 NAG D . 6.46 -29.18 4.24
C3 NAG D . 6.78 -30.63 3.93
C4 NAG D . 6.48 -31.51 5.16
C5 NAG D . 5.01 -31.38 5.50
C6 NAG D . 4.57 -32.10 6.79
C7 NAG D . 7.80 -27.22 3.51
C8 NAG D . 8.11 -26.29 2.31
N2 NAG D . 6.95 -28.22 3.25
O3 NAG D . 8.19 -30.70 3.66
O4 NAG D . 6.83 -32.92 4.99
O5 NAG D . 4.77 -29.95 5.70
O6 NAG D . 4.03 -31.11 7.71
O7 NAG D . 8.27 -27.00 4.62
CA CA E . -11.02 26.09 14.97
C1 NAG F . -2.98 -25.88 -22.37
C2 NAG F . -4.34 -26.52 -22.33
C3 NAG F . -4.33 -27.72 -21.41
C4 NAG F . -3.32 -28.66 -21.92
C5 NAG F . -1.97 -28.11 -22.27
C6 NAG F . -1.47 -29.11 -23.33
C7 NAG F . -6.44 -25.28 -22.45
C8 NAG F . -7.48 -24.54 -21.66
N2 NAG F . -5.30 -25.57 -21.80
O3 NAG F . -5.56 -28.38 -21.62
O4 NAG F . -3.17 -29.84 -21.06
O5 NAG F . -1.96 -26.77 -22.88
O6 NAG F . -0.03 -29.21 -23.33
O7 NAG F . -6.66 -25.67 -23.60
C1 NAG G . -10.17 -21.53 -28.60
C2 NAG G . -10.49 -22.72 -27.73
C3 NAG G . -11.98 -23.04 -27.91
C4 NAG G . -12.83 -21.84 -27.58
C5 NAG G . -12.47 -20.70 -28.49
C6 NAG G . -13.38 -19.49 -28.27
C7 NAG G . -8.54 -24.07 -27.12
C8 NAG G . -7.66 -25.15 -27.59
N2 NAG G . -9.56 -23.82 -27.97
O3 NAG G . -12.41 -24.00 -26.98
O4 NAG G . -14.20 -22.17 -27.83
O5 NAG G . -11.11 -20.46 -28.21
O6 NAG G . -13.22 -19.03 -26.91
O7 NAG G . -8.33 -23.50 -26.00
C1 NAG H . -7.04 -11.44 -39.17
C2 NAG H . -5.75 -12.07 -38.74
C3 NAG H . -5.32 -13.05 -39.79
C4 NAG H . -6.40 -14.08 -40.05
C5 NAG H . -7.69 -13.42 -40.35
C6 NAG H . -8.75 -14.52 -40.33
C7 NAG H . -4.28 -10.63 -37.31
C8 NAG H . -3.21 -9.62 -37.26
N2 NAG H . -4.66 -11.08 -38.53
O3 NAG H . -4.15 -13.70 -39.31
O4 NAG H . -6.03 -14.89 -41.20
O5 NAG H . -8.01 -12.50 -39.33
O6 NAG H . -10.03 -14.05 -40.62
O7 NAG H . -4.85 -11.01 -36.31
C1 NAG I . 2.08 10.96 -22.67
C2 NAG I . 2.02 11.38 -24.16
C3 NAG I . 1.88 12.90 -24.34
C4 NAG I . 0.76 13.43 -23.55
C5 NAG I . 0.86 12.98 -22.10
C6 NAG I . -0.31 13.44 -21.21
C7 NAG I . 3.16 9.95 -25.76
C8 NAG I . 4.46 9.62 -26.42
N2 NAG I . 3.21 10.87 -24.85
O3 NAG I . 1.73 13.17 -25.74
O4 NAG I . 0.75 14.83 -23.55
O5 NAG I . 0.95 11.56 -22.01
O6 NAG I . -1.55 13.08 -21.83
O7 NAG I . 2.15 9.40 -26.16
C1 NAG J . 9.87 -0.43 28.77
C2 NAG J . 8.36 -0.12 28.90
C3 NAG J . 8.07 1.35 28.65
C4 NAG J . 8.84 2.25 29.59
C5 NAG J . 10.30 1.84 29.73
C6 NAG J . 10.81 2.13 31.17
C7 NAG J . 6.81 -1.81 28.10
C8 NAG J . 6.18 -2.39 26.89
N2 NAG J . 7.66 -0.87 27.85
O3 NAG J . 6.67 1.61 28.94
O4 NAG J . 8.71 3.60 29.06
O5 NAG J . 10.59 0.44 29.64
O6 NAG J . 11.66 3.20 31.14
O7 NAG J . 6.55 -2.25 29.25
C1 NAG K . 4.13 -10.18 41.33
C2 NAG K . 4.22 -10.41 42.79
C3 NAG K . 3.69 -9.18 43.55
C4 NAG K . 4.38 -7.96 43.09
C5 NAG K . 4.19 -7.92 41.63
C6 NAG K . 4.77 -6.69 41.00
C7 NAG K . 3.62 -12.67 43.43
C8 NAG K . 2.41 -13.53 43.80
N2 NAG K . 3.30 -11.49 43.05
O3 NAG K . 4.02 -9.26 44.87
O4 NAG K . 3.74 -6.86 43.69
O5 NAG K . 4.74 -9.03 40.90
O6 NAG K . 6.21 -6.66 41.11
O7 NAG K . 4.78 -13.01 43.52
#